data_5C11
# 
_entry.id   5C11 
# 
_audit_conform.dict_name       mmcif_pdbx.dic 
_audit_conform.dict_version    5.380 
_audit_conform.dict_location   http://mmcif.pdb.org/dictionaries/ascii/mmcif_pdbx.dic 
# 
loop_
_database_2.database_id 
_database_2.database_code 
_database_2.pdbx_database_accession 
_database_2.pdbx_DOI 
PDB   5C11         pdb_00005c11 10.2210/pdb5c11/pdb 
WWPDB D_1000210852 ?            ?                   
# 
_pdbx_database_related.content_type   unspecified 
_pdbx_database_related.db_id          5C13 
_pdbx_database_related.db_name        PDB 
_pdbx_database_related.details        . 
# 
_pdbx_database_status.status_code                     REL 
_pdbx_database_status.status_code_sf                  REL 
_pdbx_database_status.status_code_mr                  ? 
_pdbx_database_status.entry_id                        5C11 
_pdbx_database_status.recvd_initial_deposition_date   2015-06-12 
_pdbx_database_status.SG_entry                        N 
_pdbx_database_status.deposit_site                    RCSB 
_pdbx_database_status.process_site                    PDBJ 
_pdbx_database_status.status_code_cs                  ? 
_pdbx_database_status.methods_development_category    ? 
_pdbx_database_status.pdb_format_compatible           Y 
_pdbx_database_status.status_code_nmr_data            ? 
# 
loop_
_audit_author.name 
_audit_author.pdbx_ordinal 
'Huang, J.' 1 
'Li, H.'    2 
# 
_citation.abstract                  ? 
_citation.abstract_id_CAS           ? 
_citation.book_id_ISBN              ? 
_citation.book_publisher            ? 
_citation.book_publisher_city       ? 
_citation.book_title                ? 
_citation.coordinate_linkage        ? 
_citation.country                   UK 
_citation.database_id_Medline       ? 
_citation.details                   ? 
_citation.id                        primary 
_citation.journal_abbrev            'Nat Commun' 
_citation.journal_id_ASTM           ? 
_citation.journal_id_CSD            ? 
_citation.journal_id_ISSN           2041-1723 
_citation.journal_full              ? 
_citation.journal_issue             ? 
_citation.journal_volume            ? 
_citation.language                  ? 
_citation.page_first                ? 
_citation.page_last                 ? 
_citation.title                     'Crystal Structure of Jarid1a PHD finger bound to histone H3C4me3 peptide' 
_citation.year                      2015 
_citation.database_id_CSD           ? 
_citation.pdbx_database_id_DOI      ? 
_citation.pdbx_database_id_PubMed   ? 
_citation.unpublished_flag          ? 
# 
loop_
_citation_author.citation_id 
_citation_author.name 
_citation_author.ordinal 
_citation_author.identifier_ORCID 
primary 'Huang, J.' 1 ? 
primary 'Li, H.'    2 ? 
# 
_cell.angle_alpha                  90.000 
_cell.angle_alpha_esd              ? 
_cell.angle_beta                   90.000 
_cell.angle_beta_esd               ? 
_cell.angle_gamma                  90.000 
_cell.angle_gamma_esd              ? 
_cell.entry_id                     5C11 
_cell.details                      ? 
_cell.formula_units_Z              ? 
_cell.length_a                     108.910 
_cell.length_a_esd                 ? 
_cell.length_b                     108.910 
_cell.length_b_esd                 ? 
_cell.length_c                     108.910 
_cell.length_c_esd                 ? 
_cell.volume                       ? 
_cell.volume_esd                   ? 
_cell.Z_PDB                        48 
_cell.reciprocal_angle_alpha       ? 
_cell.reciprocal_angle_beta        ? 
_cell.reciprocal_angle_gamma       ? 
_cell.reciprocal_angle_alpha_esd   ? 
_cell.reciprocal_angle_beta_esd    ? 
_cell.reciprocal_angle_gamma_esd   ? 
_cell.reciprocal_length_a          ? 
_cell.reciprocal_length_b          ? 
_cell.reciprocal_length_c          ? 
_cell.reciprocal_length_a_esd      ? 
_cell.reciprocal_length_b_esd      ? 
_cell.reciprocal_length_c_esd      ? 
_cell.pdbx_unique_axis             ? 
# 
_symmetry.entry_id                         5C11 
_symmetry.cell_setting                     ? 
_symmetry.Int_Tables_number                211 
_symmetry.space_group_name_Hall            ? 
_symmetry.space_group_name_H-M             'I 4 3 2' 
_symmetry.pdbx_full_space_group_name_H-M   ? 
# 
loop_
_entity.id 
_entity.type 
_entity.src_method 
_entity.pdbx_description 
_entity.formula_weight 
_entity.pdbx_number_of_molecules 
_entity.pdbx_ec 
_entity.pdbx_mutation 
_entity.pdbx_fragment 
_entity.details 
1 polymer     man 'Lysine-specific demethylase 5A' 5802.490 1 1.14.11.- ? 'PHD finger domain, UNP residues 1609-1659' ? 
2 polymer     syn 'H3 peptide'                     1190.416 1 ?         ? ?                                           ? 
3 non-polymer syn 'ZINC ION'                       65.409   2 ?         ? ?                                           ? 
# 
_entity_name_com.entity_id   1 
_entity_name_com.name        
'Histone demethylase JARID1A,Jumonji/ARID domain-containing protein 1A,Retinoblastoma-binding protein 2,RBBP-2' 
# 
loop_
_entity_poly.entity_id 
_entity_poly.type 
_entity_poly.nstd_linkage 
_entity_poly.nstd_monomer 
_entity_poly.pdbx_seq_one_letter_code 
_entity_poly.pdbx_seq_one_letter_code_can 
_entity_poly.pdbx_strand_id 
_entity_poly.pdbx_target_identifier 
1 'polypeptide(L)' no no  SVCAAQNCQRPCKDKVDWVQCDGGCDEWFHQVCVGVSPEMAENEDYICINCA 
SVCAAQNCQRPCKDKVDWVQCDGGCDEWFHQVCVGVSPEMAENEDYICINCA A ? 
2 'polypeptide(L)' no yes 'ART(4WQ)QTARKS'                                     ARTXQTARKS B ? 
# 
loop_
_entity_poly_seq.entity_id 
_entity_poly_seq.num 
_entity_poly_seq.mon_id 
_entity_poly_seq.hetero 
1 1  SER n 
1 2  VAL n 
1 3  CYS n 
1 4  ALA n 
1 5  ALA n 
1 6  GLN n 
1 7  ASN n 
1 8  CYS n 
1 9  GLN n 
1 10 ARG n 
1 11 PRO n 
1 12 CYS n 
1 13 LYS n 
1 14 ASP n 
1 15 LYS n 
1 16 VAL n 
1 17 ASP n 
1 18 TRP n 
1 19 VAL n 
1 20 GLN n 
1 21 CYS n 
1 22 ASP n 
1 23 GLY n 
1 24 GLY n 
1 25 CYS n 
1 26 ASP n 
1 27 GLU n 
1 28 TRP n 
1 29 PHE n 
1 30 HIS n 
1 31 GLN n 
1 32 VAL n 
1 33 CYS n 
1 34 VAL n 
1 35 GLY n 
1 36 VAL n 
1 37 SER n 
1 38 PRO n 
1 39 GLU n 
1 40 MET n 
1 41 ALA n 
1 42 GLU n 
1 43 ASN n 
1 44 GLU n 
1 45 ASP n 
1 46 TYR n 
1 47 ILE n 
1 48 CYS n 
1 49 ILE n 
1 50 ASN n 
1 51 CYS n 
1 52 ALA n 
2 1  ALA n 
2 2  ARG n 
2 3  THR n 
2 4  4WQ n 
2 5  GLN n 
2 6  THR n 
2 7  ALA n 
2 8  ARG n 
2 9  LYS n 
2 10 SER n 
# 
_entity_src_gen.entity_id                          1 
_entity_src_gen.pdbx_src_id                        1 
_entity_src_gen.pdbx_alt_source_flag               sample 
_entity_src_gen.pdbx_seq_type                      'Biological sequence' 
_entity_src_gen.pdbx_beg_seq_num                   1 
_entity_src_gen.pdbx_end_seq_num                   52 
_entity_src_gen.gene_src_common_name               Human 
_entity_src_gen.gene_src_genus                     ? 
_entity_src_gen.pdbx_gene_src_gene                 'KDM5A, JARID1A, RBBP2, RBP2' 
_entity_src_gen.gene_src_species                   ? 
_entity_src_gen.gene_src_strain                    ? 
_entity_src_gen.gene_src_tissue                    ? 
_entity_src_gen.gene_src_tissue_fraction           ? 
_entity_src_gen.gene_src_details                   ? 
_entity_src_gen.pdbx_gene_src_fragment             ? 
_entity_src_gen.pdbx_gene_src_scientific_name      'Homo sapiens' 
_entity_src_gen.pdbx_gene_src_ncbi_taxonomy_id     9606 
_entity_src_gen.pdbx_gene_src_variant              ? 
_entity_src_gen.pdbx_gene_src_cell_line            ? 
_entity_src_gen.pdbx_gene_src_atcc                 ? 
_entity_src_gen.pdbx_gene_src_organ                ? 
_entity_src_gen.pdbx_gene_src_organelle            ? 
_entity_src_gen.pdbx_gene_src_cell                 ? 
_entity_src_gen.pdbx_gene_src_cellular_location    ? 
_entity_src_gen.host_org_common_name               ? 
_entity_src_gen.pdbx_host_org_scientific_name      'Escherichia coli BL21(DE3)' 
_entity_src_gen.pdbx_host_org_ncbi_taxonomy_id     469008 
_entity_src_gen.host_org_genus                     ? 
_entity_src_gen.pdbx_host_org_gene                 ? 
_entity_src_gen.pdbx_host_org_organ                ? 
_entity_src_gen.host_org_species                   ? 
_entity_src_gen.pdbx_host_org_tissue               ? 
_entity_src_gen.pdbx_host_org_tissue_fraction      ? 
_entity_src_gen.pdbx_host_org_strain               'BL21(DE3)' 
_entity_src_gen.pdbx_host_org_variant              ? 
_entity_src_gen.pdbx_host_org_cell_line            ? 
_entity_src_gen.pdbx_host_org_atcc                 ? 
_entity_src_gen.pdbx_host_org_culture_collection   ? 
_entity_src_gen.pdbx_host_org_cell                 ? 
_entity_src_gen.pdbx_host_org_organelle            ? 
_entity_src_gen.pdbx_host_org_cellular_location    ? 
_entity_src_gen.pdbx_host_org_vector_type          plasmid 
_entity_src_gen.pdbx_host_org_vector               ? 
_entity_src_gen.host_org_details                   ? 
_entity_src_gen.expression_system_id               ? 
_entity_src_gen.plasmid_name                       pET28b 
_entity_src_gen.plasmid_details                    ? 
_entity_src_gen.pdbx_description                   ? 
# 
_pdbx_entity_src_syn.entity_id              2 
_pdbx_entity_src_syn.pdbx_src_id            1 
_pdbx_entity_src_syn.pdbx_alt_source_flag   sample 
_pdbx_entity_src_syn.pdbx_beg_seq_num       1 
_pdbx_entity_src_syn.pdbx_end_seq_num       10 
_pdbx_entity_src_syn.organism_scientific    'synthetic construct' 
_pdbx_entity_src_syn.organism_common_name   ? 
_pdbx_entity_src_syn.ncbi_taxonomy_id       32630 
_pdbx_entity_src_syn.details                'chemically synthesized H3 peptide 1-10 with K4Cme3 modification' 
# 
loop_
_struct_ref.id 
_struct_ref.db_name 
_struct_ref.db_code 
_struct_ref.pdbx_db_accession 
_struct_ref.pdbx_db_isoform 
_struct_ref.entity_id 
_struct_ref.pdbx_seq_one_letter_code 
_struct_ref.pdbx_align_begin 
1 UNP KDM5A_HUMAN P29375 ? 1 VCAAQNCQRPCKDKVDWVQCDGGCDEWFHQVCVGVSPEMAENEDYICINCA 1609 
2 PDB 5C11        5C11   ? 2 ?                                                   1    
# 
loop_
_struct_ref_seq.align_id 
_struct_ref_seq.ref_id 
_struct_ref_seq.pdbx_PDB_id_code 
_struct_ref_seq.pdbx_strand_id 
_struct_ref_seq.seq_align_beg 
_struct_ref_seq.pdbx_seq_align_beg_ins_code 
_struct_ref_seq.seq_align_end 
_struct_ref_seq.pdbx_seq_align_end_ins_code 
_struct_ref_seq.pdbx_db_accession 
_struct_ref_seq.db_align_beg 
_struct_ref_seq.pdbx_db_align_beg_ins_code 
_struct_ref_seq.db_align_end 
_struct_ref_seq.pdbx_db_align_end_ins_code 
_struct_ref_seq.pdbx_auth_seq_align_beg 
_struct_ref_seq.pdbx_auth_seq_align_end 
1 1 5C11 A 2 ? 52 ? P29375 1609 ? 1659 ? 2 52 
2 2 5C11 B 1 ? 10 ? 5C11   1    ? 10   ? 1 10 
# 
_struct_ref_seq_dif.align_id                     1 
_struct_ref_seq_dif.pdbx_pdb_id_code             5C11 
_struct_ref_seq_dif.mon_id                       SER 
_struct_ref_seq_dif.pdbx_pdb_strand_id           A 
_struct_ref_seq_dif.seq_num                      1 
_struct_ref_seq_dif.pdbx_pdb_ins_code            ? 
_struct_ref_seq_dif.pdbx_seq_db_name             UNP 
_struct_ref_seq_dif.pdbx_seq_db_accession_code   P29375 
_struct_ref_seq_dif.db_mon_id                    ? 
_struct_ref_seq_dif.pdbx_seq_db_seq_num          ? 
_struct_ref_seq_dif.details                      'expression tag' 
_struct_ref_seq_dif.pdbx_auth_seq_num            1 
_struct_ref_seq_dif.pdbx_ordinal                 1 
# 
loop_
_chem_comp.id 
_chem_comp.type 
_chem_comp.mon_nstd_flag 
_chem_comp.name 
_chem_comp.pdbx_synonyms 
_chem_comp.formula 
_chem_comp.formula_weight 
4WQ 'L-peptide linking' n '(2S)-2-amino-7,7-dimethyloctanoic acid' ? 'C10 H21 N O2'   187.279 
ALA 'L-peptide linking' y ALANINE                                  ? 'C3 H7 N O2'     89.093  
ARG 'L-peptide linking' y ARGININE                                 ? 'C6 H15 N4 O2 1' 175.209 
ASN 'L-peptide linking' y ASPARAGINE                               ? 'C4 H8 N2 O3'    132.118 
ASP 'L-peptide linking' y 'ASPARTIC ACID'                          ? 'C4 H7 N O4'     133.103 
CYS 'L-peptide linking' y CYSTEINE                                 ? 'C3 H7 N O2 S'   121.158 
GLN 'L-peptide linking' y GLUTAMINE                                ? 'C5 H10 N2 O3'   146.144 
GLU 'L-peptide linking' y 'GLUTAMIC ACID'                          ? 'C5 H9 N O4'     147.129 
GLY 'peptide linking'   y GLYCINE                                  ? 'C2 H5 N O2'     75.067  
HIS 'L-peptide linking' y HISTIDINE                                ? 'C6 H10 N3 O2 1' 156.162 
ILE 'L-peptide linking' y ISOLEUCINE                               ? 'C6 H13 N O2'    131.173 
LYS 'L-peptide linking' y LYSINE                                   ? 'C6 H15 N2 O2 1' 147.195 
MET 'L-peptide linking' y METHIONINE                               ? 'C5 H11 N O2 S'  149.211 
PHE 'L-peptide linking' y PHENYLALANINE                            ? 'C9 H11 N O2'    165.189 
PRO 'L-peptide linking' y PROLINE                                  ? 'C5 H9 N O2'     115.130 
SER 'L-peptide linking' y SERINE                                   ? 'C3 H7 N O3'     105.093 
THR 'L-peptide linking' y THREONINE                                ? 'C4 H9 N O3'     119.119 
TRP 'L-peptide linking' y TRYPTOPHAN                               ? 'C11 H12 N2 O2'  204.225 
TYR 'L-peptide linking' y TYROSINE                                 ? 'C9 H11 N O3'    181.189 
VAL 'L-peptide linking' y VALINE                                   ? 'C5 H11 N O2'    117.146 
ZN  non-polymer         . 'ZINC ION'                               ? 'Zn 2'           65.409  
# 
_exptl.absorpt_coefficient_mu     ? 
_exptl.absorpt_correction_T_max   ? 
_exptl.absorpt_correction_T_min   ? 
_exptl.absorpt_correction_type    ? 
_exptl.absorpt_process_details    ? 
_exptl.entry_id                   5C11 
_exptl.crystals_number            1 
_exptl.details                    ? 
_exptl.method                     'X-RAY DIFFRACTION' 
_exptl.method_details             ? 
# 
_exptl_crystal.colour                      ? 
_exptl_crystal.density_diffrn              ? 
_exptl_crystal.density_Matthews            3.67 
_exptl_crystal.density_method              ? 
_exptl_crystal.density_percent_sol         66.47 
_exptl_crystal.description                 ? 
_exptl_crystal.F_000                       ? 
_exptl_crystal.id                          1 
_exptl_crystal.preparation                 ? 
_exptl_crystal.size_max                    ? 
_exptl_crystal.size_mid                    ? 
_exptl_crystal.size_min                    ? 
_exptl_crystal.size_rad                    ? 
_exptl_crystal.colour_lustre               ? 
_exptl_crystal.colour_modifier             ? 
_exptl_crystal.colour_primary              ? 
_exptl_crystal.density_meas                ? 
_exptl_crystal.density_meas_esd            ? 
_exptl_crystal.density_meas_gt             ? 
_exptl_crystal.density_meas_lt             ? 
_exptl_crystal.density_meas_temp           ? 
_exptl_crystal.density_meas_temp_esd       ? 
_exptl_crystal.density_meas_temp_gt        ? 
_exptl_crystal.density_meas_temp_lt        ? 
_exptl_crystal.pdbx_crystal_image_url      ? 
_exptl_crystal.pdbx_crystal_image_format   ? 
_exptl_crystal.pdbx_mosaicity              ? 
_exptl_crystal.pdbx_mosaicity_esd          ? 
# 
_exptl_crystal_grow.apparatus       ? 
_exptl_crystal_grow.atmosphere      ? 
_exptl_crystal_grow.crystal_id      1 
_exptl_crystal_grow.details         ? 
_exptl_crystal_grow.method          'VAPOR DIFFUSION, SITTING DROP' 
_exptl_crystal_grow.method_ref      ? 
_exptl_crystal_grow.pH              8.5 
_exptl_crystal_grow.pressure        ? 
_exptl_crystal_grow.pressure_esd    ? 
_exptl_crystal_grow.seeding         ? 
_exptl_crystal_grow.seeding_ref     ? 
_exptl_crystal_grow.temp            277 
_exptl_crystal_grow.temp_details    ? 
_exptl_crystal_grow.temp_esd        ? 
_exptl_crystal_grow.time            ? 
_exptl_crystal_grow.pdbx_details    
;0.02 M sodium l-glutamate, 0.02 M dl-alanine, 0.02 M glycine, 0.02 M dl-lysine HCl, 0.02 M dl-serine, 0.1 M Tris, 0.1 M Bicine, PH8.5, 12.5% MPD, 12.5%  PEG 1K, 12.5%  PEG 3350
;
_exptl_crystal_grow.pdbx_pH_range   ? 
# 
_diffrn.ambient_environment    ? 
_diffrn.ambient_temp           100 
_diffrn.ambient_temp_details   ? 
_diffrn.ambient_temp_esd       ? 
_diffrn.crystal_id             1 
_diffrn.crystal_support        ? 
_diffrn.crystal_treatment      ? 
_diffrn.details                ? 
_diffrn.id                     1 
_diffrn.ambient_pressure       ? 
_diffrn.ambient_pressure_esd   ? 
_diffrn.ambient_pressure_gt    ? 
_diffrn.ambient_pressure_lt    ? 
_diffrn.ambient_temp_gt        ? 
_diffrn.ambient_temp_lt        ? 
# 
_diffrn_detector.details                      mirror 
_diffrn_detector.detector                     CCD 
_diffrn_detector.diffrn_id                    1 
_diffrn_detector.type                         'ADSC QUANTUM 315r' 
_diffrn_detector.area_resol_mean              ? 
_diffrn_detector.dtime                        ? 
_diffrn_detector.pdbx_frames_total            ? 
_diffrn_detector.pdbx_collection_time_total   ? 
_diffrn_detector.pdbx_collection_date         2014-09-14 
# 
_diffrn_radiation.collimation                      ? 
_diffrn_radiation.diffrn_id                        1 
_diffrn_radiation.filter_edge                      ? 
_diffrn_radiation.inhomogeneity                    ? 
_diffrn_radiation.monochromator                    'double crystal, Si(111)' 
_diffrn_radiation.polarisn_norm                    ? 
_diffrn_radiation.polarisn_ratio                   ? 
_diffrn_radiation.probe                            ? 
_diffrn_radiation.type                             ? 
_diffrn_radiation.xray_symbol                      ? 
_diffrn_radiation.wavelength_id                    1 
_diffrn_radiation.pdbx_monochromatic_or_laue_m_l   M 
_diffrn_radiation.pdbx_wavelength_list             ? 
_diffrn_radiation.pdbx_wavelength                  ? 
_diffrn_radiation.pdbx_diffrn_protocol             'SINGLE WAVELENGTH' 
_diffrn_radiation.pdbx_analyzer                    ? 
_diffrn_radiation.pdbx_scattering_type             x-ray 
# 
_diffrn_radiation_wavelength.id           1 
_diffrn_radiation_wavelength.wavelength   0.9792 
_diffrn_radiation_wavelength.wt           1.0 
# 
_diffrn_source.current                     ? 
_diffrn_source.details                     ? 
_diffrn_source.diffrn_id                   1 
_diffrn_source.power                       ? 
_diffrn_source.size                        ? 
_diffrn_source.source                      SYNCHROTRON 
_diffrn_source.target                      ? 
_diffrn_source.type                        'SSRF BEAMLINE BL17U' 
_diffrn_source.voltage                     ? 
_diffrn_source.take-off_angle              ? 
_diffrn_source.pdbx_wavelength_list        0.9792 
_diffrn_source.pdbx_wavelength             ? 
_diffrn_source.pdbx_synchrotron_beamline   BL17U 
_diffrn_source.pdbx_synchrotron_site       SSRF 
# 
_reflns.B_iso_Wilson_estimate            96.560 
_reflns.entry_id                         5C11 
_reflns.data_reduction_details           ? 
_reflns.data_reduction_method            ? 
_reflns.d_resolution_high                2.800 
_reflns.d_resolution_low                 50.000 
_reflns.details                          ? 
_reflns.limit_h_max                      ? 
_reflns.limit_h_min                      ? 
_reflns.limit_k_max                      ? 
_reflns.limit_k_min                      ? 
_reflns.limit_l_max                      ? 
_reflns.limit_l_min                      ? 
_reflns.number_all                       ? 
_reflns.number_obs                       2920 
_reflns.observed_criterion               ? 
_reflns.observed_criterion_F_max         ? 
_reflns.observed_criterion_F_min         ? 
_reflns.observed_criterion_I_max         ? 
_reflns.observed_criterion_I_min         ? 
_reflns.observed_criterion_sigma_F       ? 
_reflns.observed_criterion_sigma_I       ? 
_reflns.percent_possible_obs             99.500 
_reflns.R_free_details                   ? 
_reflns.Rmerge_F_all                     ? 
_reflns.Rmerge_F_obs                     ? 
_reflns.Friedel_coverage                 ? 
_reflns.number_gt                        ? 
_reflns.threshold_expression             ? 
_reflns.pdbx_redundancy                  17.100 
_reflns.pdbx_Rmerge_I_obs                0.065 
_reflns.pdbx_Rmerge_I_all                ? 
_reflns.pdbx_Rsym_value                  ? 
_reflns.pdbx_netI_over_av_sigmaI         64.932 
_reflns.pdbx_netI_over_sigmaI            14.300 
_reflns.pdbx_res_netI_over_av_sigmaI_2   ? 
_reflns.pdbx_res_netI_over_sigmaI_2      ? 
_reflns.pdbx_chi_squared                 1.840 
_reflns.pdbx_scaling_rejects             ? 
_reflns.pdbx_d_res_high_opt              ? 
_reflns.pdbx_d_res_low_opt               ? 
_reflns.pdbx_d_res_opt_method            ? 
_reflns.phase_calculation_details        ? 
_reflns.pdbx_Rrim_I_all                  ? 
_reflns.pdbx_Rpim_I_all                  ? 
_reflns.pdbx_d_opt                       ? 
_reflns.pdbx_number_measured_all         50009 
_reflns.pdbx_diffrn_id                   1 
_reflns.pdbx_ordinal                     1 
_reflns.pdbx_CC_half                     ? 
_reflns.pdbx_R_split                     ? 
# 
loop_
_reflns_shell.d_res_high 
_reflns_shell.d_res_low 
_reflns_shell.meanI_over_sigI_all 
_reflns_shell.meanI_over_sigI_obs 
_reflns_shell.number_measured_all 
_reflns_shell.number_measured_obs 
_reflns_shell.number_possible 
_reflns_shell.number_unique_all 
_reflns_shell.number_unique_obs 
_reflns_shell.percent_possible_all 
_reflns_shell.percent_possible_obs 
_reflns_shell.Rmerge_F_all 
_reflns_shell.Rmerge_F_obs 
_reflns_shell.Rmerge_I_all 
_reflns_shell.Rmerge_I_obs 
_reflns_shell.meanI_over_sigI_gt 
_reflns_shell.meanI_over_uI_all 
_reflns_shell.meanI_over_uI_gt 
_reflns_shell.number_measured_gt 
_reflns_shell.number_unique_gt 
_reflns_shell.percent_possible_gt 
_reflns_shell.Rmerge_F_gt 
_reflns_shell.Rmerge_I_gt 
_reflns_shell.pdbx_redundancy 
_reflns_shell.pdbx_Rsym_value 
_reflns_shell.pdbx_chi_squared 
_reflns_shell.pdbx_netI_over_sigmaI_all 
_reflns_shell.pdbx_netI_over_sigmaI_obs 
_reflns_shell.pdbx_Rrim_I_all 
_reflns_shell.pdbx_Rpim_I_all 
_reflns_shell.pdbx_rejects 
_reflns_shell.pdbx_ordinal 
_reflns_shell.pdbx_diffrn_id 
_reflns_shell.pdbx_CC_half 
_reflns_shell.pdbx_R_split 
2.800 2.870  ? ? ? ? ? 194 ? 100.000 ? ? ? ? 0.798 ? ? ? ? ? ? ? ? 14.400 ? 0.941 ? ? ? ? 0 1  1 ? ? 
2.870 2.940  ? ? ? ? ? 181 ? 100.000 ? ? ? ? 0.670 ? ? ? ? ? ? ? ? 15.500 ? 0.991 ? ? ? ? 0 2  1 ? ? 
2.940 3.020  ? ? ? ? ? 185 ? 100.000 ? ? ? ? 0.582 ? ? ? ? ? ? ? ? 15.600 ? 1.028 ? ? ? ? 0 3  1 ? ? 
3.020 3.100  ? ? ? ? ? 189 ? 100.000 ? ? ? ? 0.446 ? ? ? ? ? ? ? ? 15.900 ? 1.014 ? ? ? ? 0 4  1 ? ? 
3.100 3.210  ? ? ? ? ? 200 ? 100.000 ? ? ? ? 0.339 ? ? ? ? ? ? ? ? 16.400 ? 1.075 ? ? ? ? 0 5  1 ? ? 
3.210 3.320  ? ? ? ? ? 177 ? 100.000 ? ? ? ? 0.215 ? ? ? ? ? ? ? ? 17.900 ? 1.172 ? ? ? ? 0 6  1 ? ? 
3.320 3.450  ? ? ? ? ? 194 ? 100.000 ? ? ? ? 0.179 ? ? ? ? ? ? ? ? 17.600 ? 1.231 ? ? ? ? 0 7  1 ? ? 
3.450 3.610  ? ? ? ? ? 193 ? 100.000 ? ? ? ? 0.132 ? ? ? ? ? ? ? ? 18.300 ? 1.501 ? ? ? ? 0 8  1 ? ? 
3.610 3.800  ? ? ? ? ? 189 ? 100.000 ? ? ? ? 0.108 ? ? ? ? ? ? ? ? 18.700 ? 1.924 ? ? ? ? 0 9  1 ? ? 
3.800 4.040  ? ? ? ? ? 194 ? 100.000 ? ? ? ? 0.086 ? ? ? ? ? ? ? ? 18.400 ? 2.289 ? ? ? ? 0 10 1 ? ? 
4.040 4.350  ? ? ? ? ? 193 ? 99.500  ? ? ? ? 0.070 ? ? ? ? ? ? ? ? 18.300 ? 2.644 ? ? ? ? 0 11 1 ? ? 
4.350 4.790  ? ? ? ? ? 201 ? 100.000 ? ? ? ? 0.065 ? ? ? ? ? ? ? ? 18.400 ? 3.214 ? ? ? ? 0 12 1 ? ? 
4.790 5.480  ? ? ? ? ? 202 ? 99.500  ? ? ? ? 0.049 ? ? ? ? ? ? ? ? 18.200 ? 2.418 ? ? ? ? 0 13 1 ? ? 
5.480 6.900  ? ? ? ? ? 206 ? 100.000 ? ? ? ? 0.048 ? ? ? ? ? ? ? ? 18.000 ? 2.654 ? ? ? ? 0 14 1 ? ? 
6.900 50.000 ? ? ? ? ? 222 ? 94.500  ? ? ? ? 0.042 ? ? ? ? ? ? ? ? 15.200 ? 2.595 ? ? ? ? 0 15 1 ? ? 
# 
_refine.aniso_B[1][1]                            ? 
_refine.aniso_B[1][2]                            ? 
_refine.aniso_B[1][3]                            ? 
_refine.aniso_B[2][2]                            ? 
_refine.aniso_B[2][3]                            ? 
_refine.aniso_B[3][3]                            ? 
_refine.B_iso_max                                146.660 
_refine.B_iso_mean                               95.2107 
_refine.B_iso_min                                56.370 
_refine.correlation_coeff_Fo_to_Fc               ? 
_refine.correlation_coeff_Fo_to_Fc_free          ? 
_refine.details                                  ? 
_refine.diff_density_max                         ? 
_refine.diff_density_max_esd                     ? 
_refine.diff_density_min                         ? 
_refine.diff_density_min_esd                     ? 
_refine.diff_density_rms                         ? 
_refine.diff_density_rms_esd                     ? 
_refine.entry_id                                 5C11 
_refine.pdbx_refine_id                           'X-RAY DIFFRACTION' 
_refine.ls_abs_structure_details                 ? 
_refine.ls_abs_structure_Flack                   ? 
_refine.ls_abs_structure_Flack_esd               ? 
_refine.ls_abs_structure_Rogers                  ? 
_refine.ls_abs_structure_Rogers_esd              ? 
_refine.ls_d_res_high                            2.8030 
_refine.ls_d_res_low                             44.4620 
_refine.ls_extinction_coef                       ? 
_refine.ls_extinction_coef_esd                   ? 
_refine.ls_extinction_expression                 ? 
_refine.ls_extinction_method                     ? 
_refine.ls_goodness_of_fit_all                   ? 
_refine.ls_goodness_of_fit_all_esd               ? 
_refine.ls_goodness_of_fit_obs                   ? 
_refine.ls_goodness_of_fit_obs_esd               ? 
_refine.ls_hydrogen_treatment                    ? 
_refine.ls_matrix_type                           ? 
_refine.ls_number_constraints                    ? 
_refine.ls_number_parameters                     ? 
_refine.ls_number_reflns_all                     ? 
_refine.ls_number_reflns_obs                     2920 
_refine.ls_number_reflns_R_free                  278 
_refine.ls_number_reflns_R_work                  2642 
_refine.ls_number_restraints                     ? 
_refine.ls_percent_reflns_obs                    99.4900 
_refine.ls_percent_reflns_R_free                 9.5200 
_refine.ls_R_factor_all                          ? 
_refine.ls_R_factor_obs                          0.2483 
_refine.ls_R_factor_R_free                       0.2789 
_refine.ls_R_factor_R_free_error                 ? 
_refine.ls_R_factor_R_free_error_details         ? 
_refine.ls_R_factor_R_work                       0.2455 
_refine.ls_R_Fsqd_factor_obs                     ? 
_refine.ls_R_I_factor_obs                        ? 
_refine.ls_redundancy_reflns_all                 ? 
_refine.ls_redundancy_reflns_obs                 ? 
_refine.ls_restrained_S_all                      ? 
_refine.ls_restrained_S_obs                      ? 
_refine.ls_shift_over_esd_max                    ? 
_refine.ls_shift_over_esd_mean                   ? 
_refine.ls_structure_factor_coef                 ? 
_refine.ls_weighting_details                     ? 
_refine.ls_weighting_scheme                      ? 
_refine.ls_wR_factor_all                         ? 
_refine.ls_wR_factor_obs                         ? 
_refine.ls_wR_factor_R_free                      ? 
_refine.ls_wR_factor_R_work                      ? 
_refine.occupancy_max                            ? 
_refine.occupancy_min                            ? 
_refine.solvent_model_details                    'FLAT BULK SOLVENT MODEL' 
_refine.solvent_model_param_bsol                 ? 
_refine.solvent_model_param_ksol                 ? 
_refine.ls_R_factor_gt                           ? 
_refine.ls_goodness_of_fit_gt                    ? 
_refine.ls_goodness_of_fit_ref                   ? 
_refine.ls_shift_over_su_max                     ? 
_refine.ls_shift_over_su_max_lt                  ? 
_refine.ls_shift_over_su_mean                    ? 
_refine.ls_shift_over_su_mean_lt                 ? 
_refine.pdbx_ls_sigma_I                          ? 
_refine.pdbx_ls_sigma_F                          1.470 
_refine.pdbx_ls_sigma_Fsqd                       ? 
_refine.pdbx_data_cutoff_high_absF               ? 
_refine.pdbx_data_cutoff_high_rms_absF           ? 
_refine.pdbx_data_cutoff_low_absF                ? 
_refine.pdbx_isotropic_thermal_model             ? 
_refine.pdbx_ls_cross_valid_method               'FREE R-VALUE' 
_refine.pdbx_method_to_determine_struct          'MOLECULAR REPLACEMENT' 
_refine.pdbx_starting_model                      3GL6 
_refine.pdbx_stereochemistry_target_values       ML 
_refine.pdbx_R_Free_selection_details            'Random Selection' 
_refine.pdbx_stereochem_target_val_spec_case     ? 
_refine.pdbx_overall_ESU_R                       ? 
_refine.pdbx_overall_ESU_R_Free                  ? 
_refine.pdbx_solvent_vdw_probe_radii             1.1100 
_refine.pdbx_solvent_ion_probe_radii             ? 
_refine.pdbx_solvent_shrinkage_radii             0.9000 
_refine.pdbx_real_space_R                        ? 
_refine.pdbx_density_correlation                 ? 
_refine.pdbx_pd_number_of_powder_patterns        ? 
_refine.pdbx_pd_number_of_points                 ? 
_refine.pdbx_pd_meas_number_of_points            ? 
_refine.pdbx_pd_proc_ls_prof_R_factor            ? 
_refine.pdbx_pd_proc_ls_prof_wR_factor           ? 
_refine.pdbx_pd_Marquardt_correlation_coeff      ? 
_refine.pdbx_pd_Fsqrd_R_factor                   ? 
_refine.pdbx_pd_ls_matrix_band_width             ? 
_refine.pdbx_overall_phase_error                 28.7300 
_refine.pdbx_overall_SU_R_free_Cruickshank_DPI   ? 
_refine.pdbx_overall_SU_R_free_Blow_DPI          ? 
_refine.pdbx_overall_SU_R_Blow_DPI               ? 
_refine.pdbx_TLS_residual_ADP_flag               ? 
_refine.pdbx_diffrn_id                           1 
_refine.overall_SU_B                             ? 
_refine.overall_SU_ML                            0.3500 
_refine.overall_SU_R_Cruickshank_DPI             ? 
_refine.overall_SU_R_free                        ? 
_refine.overall_FOM_free_R_set                   ? 
_refine.overall_FOM_work_R_set                   ? 
_refine.pdbx_average_fsc_overall                 ? 
_refine.pdbx_average_fsc_work                    ? 
_refine.pdbx_average_fsc_free                    ? 
# 
_refine_hist.cycle_id                         final 
_refine_hist.pdbx_refine_id                   'X-RAY DIFFRACTION' 
_refine_hist.d_res_high                       2.8030 
_refine_hist.d_res_low                        44.4620 
_refine_hist.pdbx_number_atoms_ligand         2 
_refine_hist.number_atoms_solvent             0 
_refine_hist.number_atoms_total               457 
_refine_hist.pdbx_number_residues_total       59 
_refine_hist.pdbx_B_iso_mean_ligand           86.89 
_refine_hist.pdbx_number_atoms_protein        455 
_refine_hist.pdbx_number_atoms_nucleic_acid   0 
# 
loop_
_refine_ls_restr.pdbx_refine_id 
_refine_ls_restr.criterion 
_refine_ls_restr.dev_ideal 
_refine_ls_restr.dev_ideal_target 
_refine_ls_restr.number 
_refine_ls_restr.rejects 
_refine_ls_restr.type 
_refine_ls_restr.weight 
_refine_ls_restr.pdbx_restraint_function 
'X-RAY DIFFRACTION' ? 0.003  ? 463 ? f_bond_d           ? ? 
'X-RAY DIFFRACTION' ? 0.698  ? 627 ? f_angle_d          ? ? 
'X-RAY DIFFRACTION' ? 0.030  ? 65  ? f_chiral_restr     ? ? 
'X-RAY DIFFRACTION' ? 0.002  ? 84  ? f_plane_restr      ? ? 
'X-RAY DIFFRACTION' ? 15.304 ? 171 ? f_dihedral_angle_d ? ? 
# 
loop_
_refine_ls_shell.pdbx_refine_id 
_refine_ls_shell.d_res_high 
_refine_ls_shell.d_res_low 
_refine_ls_shell.number_reflns_all 
_refine_ls_shell.number_reflns_obs 
_refine_ls_shell.number_reflns_R_free 
_refine_ls_shell.number_reflns_R_work 
_refine_ls_shell.percent_reflns_obs 
_refine_ls_shell.percent_reflns_R_free 
_refine_ls_shell.R_factor_all 
_refine_ls_shell.R_factor_obs 
_refine_ls_shell.R_factor_R_free 
_refine_ls_shell.R_factor_R_free_error 
_refine_ls_shell.R_factor_R_work 
_refine_ls_shell.redundancy_reflns_all 
_refine_ls_shell.redundancy_reflns_obs 
_refine_ls_shell.wR_factor_all 
_refine_ls_shell.wR_factor_obs 
_refine_ls_shell.wR_factor_R_free 
_refine_ls_shell.wR_factor_R_work 
_refine_ls_shell.pdbx_total_number_of_bins_used 
_refine_ls_shell.pdbx_phase_error 
_refine_ls_shell.pdbx_fsc_work 
_refine_ls_shell.pdbx_fsc_free 
'X-RAY DIFFRACTION' 2.8027 3.5309  1416 . 142 1274 100.0000 . . . 0.3317 . 0.2746 . . . . . . 2 . . . 
'X-RAY DIFFRACTION' 3.5309 44.4679 1504 . 136 1368 99.0000  . . . 0.2656 . 0.2392 . . . . . . 2 . . . 
# 
_struct.entry_id                     5C11 
_struct.title                        'Crystal Structure of Jarid1a PHD finger bound to histone H3C4me3 peptide' 
_struct.pdbx_model_details           ? 
_struct.pdbx_formula_weight          ? 
_struct.pdbx_formula_weight_method   ? 
_struct.pdbx_model_type_details      ? 
_struct.pdbx_CASP_flag               ? 
# 
_struct_keywords.entry_id        5C11 
_struct_keywords.text            'zinc finger protein, demethylase, reader module, HYDROLASE' 
_struct_keywords.pdbx_keywords   HYDROLASE 
# 
loop_
_struct_asym.id 
_struct_asym.pdbx_blank_PDB_chainid_flag 
_struct_asym.pdbx_modified 
_struct_asym.entity_id 
_struct_asym.details 
A N N 1 ? 
B N N 2 ? 
C N N 3 ? 
D N N 3 ? 
# 
loop_
_struct_conf.conf_type_id 
_struct_conf.id 
_struct_conf.pdbx_PDB_helix_id 
_struct_conf.beg_label_comp_id 
_struct_conf.beg_label_asym_id 
_struct_conf.beg_label_seq_id 
_struct_conf.pdbx_beg_PDB_ins_code 
_struct_conf.end_label_comp_id 
_struct_conf.end_label_asym_id 
_struct_conf.end_label_seq_id 
_struct_conf.pdbx_end_PDB_ins_code 
_struct_conf.beg_auth_comp_id 
_struct_conf.beg_auth_asym_id 
_struct_conf.beg_auth_seq_id 
_struct_conf.end_auth_comp_id 
_struct_conf.end_auth_asym_id 
_struct_conf.end_auth_seq_id 
_struct_conf.pdbx_PDB_helix_class 
_struct_conf.details 
_struct_conf.pdbx_PDB_helix_length 
HELX_P HELX_P1 AA1 VAL A 32 ? GLY A 35 ? VAL A 32 GLY A 35 5 ? 4 
HELX_P HELX_P2 AA2 SER A 37 ? GLU A 44 ? SER A 37 GLU A 44 1 ? 8 
# 
_struct_conf_type.id          HELX_P 
_struct_conf_type.criteria    ? 
_struct_conf_type.reference   ? 
# 
loop_
_struct_conn.id 
_struct_conn.conn_type_id 
_struct_conn.pdbx_leaving_atom_flag 
_struct_conn.pdbx_PDB_id 
_struct_conn.ptnr1_label_asym_id 
_struct_conn.ptnr1_label_comp_id 
_struct_conn.ptnr1_label_seq_id 
_struct_conn.ptnr1_label_atom_id 
_struct_conn.pdbx_ptnr1_label_alt_id 
_struct_conn.pdbx_ptnr1_PDB_ins_code 
_struct_conn.pdbx_ptnr1_standard_comp_id 
_struct_conn.ptnr1_symmetry 
_struct_conn.ptnr2_label_asym_id 
_struct_conn.ptnr2_label_comp_id 
_struct_conn.ptnr2_label_seq_id 
_struct_conn.ptnr2_label_atom_id 
_struct_conn.pdbx_ptnr2_label_alt_id 
_struct_conn.pdbx_ptnr2_PDB_ins_code 
_struct_conn.ptnr1_auth_asym_id 
_struct_conn.ptnr1_auth_comp_id 
_struct_conn.ptnr1_auth_seq_id 
_struct_conn.ptnr2_auth_asym_id 
_struct_conn.ptnr2_auth_comp_id 
_struct_conn.ptnr2_auth_seq_id 
_struct_conn.ptnr2_symmetry 
_struct_conn.pdbx_ptnr3_label_atom_id 
_struct_conn.pdbx_ptnr3_label_seq_id 
_struct_conn.pdbx_ptnr3_label_comp_id 
_struct_conn.pdbx_ptnr3_label_asym_id 
_struct_conn.pdbx_ptnr3_label_alt_id 
_struct_conn.pdbx_ptnr3_PDB_ins_code 
_struct_conn.details 
_struct_conn.pdbx_dist_value 
_struct_conn.pdbx_value_order 
_struct_conn.pdbx_role 
disulf1 disulf ?    ? A CYS 12 SG  ? ? ? 1_555 A CYS 12 SG ? ? A CYS 12 A CYS 12  18_455 ? ? ? ? ? ? ? 2.028 ? ? 
covale1 covale both ? B THR 3  C   ? ? ? 1_555 B 4WQ 4  N  ? ? B THR 3  B 4WQ 4   1_555  ? ? ? ? ? ? ? 1.329 ? ? 
covale2 covale both ? B 4WQ 4  C   ? ? ? 1_555 B GLN 5  N  ? ? B 4WQ 4  B GLN 5   1_555  ? ? ? ? ? ? ? 1.330 ? ? 
metalc1 metalc ?    ? A CYS 3  SG  ? ? ? 1_555 C ZN  .  ZN ? ? A CYS 3  A ZN  101 1_555  ? ? ? ? ? ? ? 2.346 ? ? 
metalc2 metalc ?    ? A CYS 8  SG  ? ? ? 1_555 C ZN  .  ZN ? ? A CYS 8  A ZN  101 1_555  ? ? ? ? ? ? ? 2.395 ? ? 
metalc3 metalc ?    ? A CYS 21 SG  ? ? ? 1_555 D ZN  .  ZN ? ? A CYS 21 A ZN  102 1_555  ? ? ? ? ? ? ? 2.414 ? ? 
metalc4 metalc ?    ? A CYS 25 SG  ? ? ? 1_555 D ZN  .  ZN ? ? A CYS 25 A ZN  102 1_555  ? ? ? ? ? ? ? 2.348 ? ? 
metalc5 metalc ?    ? A HIS 30 ND1 ? ? ? 1_555 C ZN  .  ZN ? ? A HIS 30 A ZN  101 1_555  ? ? ? ? ? ? ? 2.062 ? ? 
metalc6 metalc ?    ? A CYS 33 SG  ? ? ? 1_555 C ZN  .  ZN ? ? A CYS 33 A ZN  101 1_555  ? ? ? ? ? ? ? 2.357 ? ? 
metalc7 metalc ?    ? A CYS 48 SG  ? ? ? 1_555 D ZN  .  ZN ? ? A CYS 48 A ZN  102 1_555  ? ? ? ? ? ? ? 2.389 ? ? 
metalc8 metalc ?    ? A CYS 51 SG  ? ? ? 1_555 D ZN  .  ZN ? ? A CYS 51 A ZN  102 1_555  ? ? ? ? ? ? ? 2.389 ? ? 
# 
loop_
_struct_conn_type.id 
_struct_conn_type.criteria 
_struct_conn_type.reference 
disulf ? ? 
covale ? ? 
metalc ? ? 
# 
_struct_sheet.id               AA1 
_struct_sheet.type             ? 
_struct_sheet.number_strands   3 
_struct_sheet.details          ? 
# 
loop_
_struct_sheet_order.sheet_id 
_struct_sheet_order.range_id_1 
_struct_sheet_order.range_id_2 
_struct_sheet_order.offset 
_struct_sheet_order.sense 
AA1 1 2 ? anti-parallel 
AA1 2 3 ? anti-parallel 
# 
loop_
_struct_sheet_range.sheet_id 
_struct_sheet_range.id 
_struct_sheet_range.beg_label_comp_id 
_struct_sheet_range.beg_label_asym_id 
_struct_sheet_range.beg_label_seq_id 
_struct_sheet_range.pdbx_beg_PDB_ins_code 
_struct_sheet_range.end_label_comp_id 
_struct_sheet_range.end_label_asym_id 
_struct_sheet_range.end_label_seq_id 
_struct_sheet_range.pdbx_end_PDB_ins_code 
_struct_sheet_range.beg_auth_comp_id 
_struct_sheet_range.beg_auth_asym_id 
_struct_sheet_range.beg_auth_seq_id 
_struct_sheet_range.end_auth_comp_id 
_struct_sheet_range.end_auth_asym_id 
_struct_sheet_range.end_auth_seq_id 
AA1 1 TRP A 28 ? HIS A 30 ? TRP A 28 HIS A 30 
AA1 2 VAL A 16 ? GLN A 20 ? VAL A 16 GLN A 20 
AA1 3 THR B 3  ? THR B 6  ? THR B 3  THR B 6  
# 
loop_
_pdbx_struct_sheet_hbond.sheet_id 
_pdbx_struct_sheet_hbond.range_id_1 
_pdbx_struct_sheet_hbond.range_id_2 
_pdbx_struct_sheet_hbond.range_1_label_atom_id 
_pdbx_struct_sheet_hbond.range_1_label_comp_id 
_pdbx_struct_sheet_hbond.range_1_label_asym_id 
_pdbx_struct_sheet_hbond.range_1_label_seq_id 
_pdbx_struct_sheet_hbond.range_1_PDB_ins_code 
_pdbx_struct_sheet_hbond.range_1_auth_atom_id 
_pdbx_struct_sheet_hbond.range_1_auth_comp_id 
_pdbx_struct_sheet_hbond.range_1_auth_asym_id 
_pdbx_struct_sheet_hbond.range_1_auth_seq_id 
_pdbx_struct_sheet_hbond.range_2_label_atom_id 
_pdbx_struct_sheet_hbond.range_2_label_comp_id 
_pdbx_struct_sheet_hbond.range_2_label_asym_id 
_pdbx_struct_sheet_hbond.range_2_label_seq_id 
_pdbx_struct_sheet_hbond.range_2_PDB_ins_code 
_pdbx_struct_sheet_hbond.range_2_auth_atom_id 
_pdbx_struct_sheet_hbond.range_2_auth_comp_id 
_pdbx_struct_sheet_hbond.range_2_auth_asym_id 
_pdbx_struct_sheet_hbond.range_2_auth_seq_id 
AA1 1 2 O PHE A 29 ? O PHE A 29 N VAL A 19 ? N VAL A 19 
AA1 2 3 N TRP A 18 ? N TRP A 18 O 4WQ B 4  ? O 4WQ B 4  
# 
loop_
_struct_site.id 
_struct_site.pdbx_evidence_code 
_struct_site.pdbx_auth_asym_id 
_struct_site.pdbx_auth_comp_id 
_struct_site.pdbx_auth_seq_id 
_struct_site.pdbx_auth_ins_code 
_struct_site.pdbx_num_residues 
_struct_site.details 
AC1 Software A ZN  101 ? 4 'binding site for residue ZN A 101'                                         
AC2 Software A ZN  102 ? 4 'binding site for residue ZN A 102'                                         
AC3 Software B 4WQ 4   ? 6 'binding site for Ligand residues 4WQ B 4 through GLN B 5 bound to THR B 3' 
# 
loop_
_struct_site_gen.id 
_struct_site_gen.site_id 
_struct_site_gen.pdbx_num_res 
_struct_site_gen.label_comp_id 
_struct_site_gen.label_asym_id 
_struct_site_gen.label_seq_id 
_struct_site_gen.pdbx_auth_ins_code 
_struct_site_gen.auth_comp_id 
_struct_site_gen.auth_asym_id 
_struct_site_gen.auth_seq_id 
_struct_site_gen.label_atom_id 
_struct_site_gen.label_alt_id 
_struct_site_gen.symmetry 
_struct_site_gen.details 
1  AC1 4 CYS A 3  ? CYS A 3  . ? 1_555 ? 
2  AC1 4 CYS A 8  ? CYS A 8  . ? 1_555 ? 
3  AC1 4 HIS A 30 ? HIS A 30 . ? 1_555 ? 
4  AC1 4 CYS A 33 ? CYS A 33 . ? 1_555 ? 
5  AC2 4 CYS A 21 ? CYS A 21 . ? 1_555 ? 
6  AC2 4 CYS A 25 ? CYS A 25 . ? 1_555 ? 
7  AC2 4 CYS A 48 ? CYS A 48 . ? 1_555 ? 
8  AC2 4 CYS A 51 ? CYS A 51 . ? 1_555 ? 
9  AC3 6 VAL A 16 ? VAL A 16 . ? 1_555 ? 
10 AC3 6 ASP A 17 ? ASP A 17 . ? 1_555 ? 
11 AC3 6 TRP A 18 ? TRP A 18 . ? 1_555 ? 
12 AC3 6 TRP A 28 ? TRP A 28 . ? 1_555 ? 
13 AC3 6 THR B 3  ? THR B 3  . ? 1_555 ? 
14 AC3 6 THR B 6  ? THR B 6  . ? 1_555 ? 
# 
_atom_sites.entry_id                    5C11 
_atom_sites.fract_transf_matrix[1][1]   0.00792693 
_atom_sites.fract_transf_matrix[1][2]   -0.00346701 
_atom_sites.fract_transf_matrix[1][3]   0.00307453 
_atom_sites.fract_transf_matrix[2][1]   -0.00304072 
_atom_sites.fract_transf_matrix[2][2]   0.00070532 
_atom_sites.fract_transf_matrix[2][3]   0.00863514 
_atom_sites.fract_transf_matrix[3][1]   -0.00349669 
_atom_sites.fract_transf_matrix[3][2]   -0.00847299 
_atom_sites.fract_transf_matrix[3][3]   -0.00053923 
_atom_sites.fract_transf_vector[1]      -0.399247 
_atom_sites.fract_transf_vector[2]      -0.164778 
_atom_sites.fract_transf_vector[3]      -0.013675 
# 
loop_
_atom_type.symbol 
C  
N  
O  
S  
ZN 
# 
loop_
_atom_site.group_PDB 
_atom_site.id 
_atom_site.type_symbol 
_atom_site.label_atom_id 
_atom_site.label_alt_id 
_atom_site.label_comp_id 
_atom_site.label_asym_id 
_atom_site.label_entity_id 
_atom_site.label_seq_id 
_atom_site.pdbx_PDB_ins_code 
_atom_site.Cartn_x 
_atom_site.Cartn_y 
_atom_site.Cartn_z 
_atom_site.occupancy 
_atom_site.B_iso_or_equiv 
_atom_site.pdbx_formal_charge 
_atom_site.auth_seq_id 
_atom_site.auth_comp_id 
_atom_site.auth_asym_id 
_atom_site.auth_atom_id 
_atom_site.pdbx_PDB_model_num 
ATOM   1   N  N   . SER A 1 1  ? -7.457  10.915  -0.963 1.00 91.68  ? 1   SER A N   1 
ATOM   2   C  CA  . SER A 1 1  ? -7.192  9.588   -1.506 1.00 96.30  ? 1   SER A CA  1 
ATOM   3   C  C   . SER A 1 1  ? -7.579  8.498   -0.516 1.00 94.94  ? 1   SER A C   1 
ATOM   4   O  O   . SER A 1 1  ? -7.240  8.570   0.661  1.00 88.65  ? 1   SER A O   1 
ATOM   5   C  CB  . SER A 1 1  ? -5.714  9.449   -1.888 1.00 95.45  ? 1   SER A CB  1 
ATOM   6   O  OG  . SER A 1 1  ? -5.363  10.319  -2.952 1.00 94.50  ? 1   SER A OG  1 
ATOM   7   N  N   . VAL A 1 2  ? -8.293  7.490   -1.001 1.00 87.07  ? 2   VAL A N   1 
ATOM   8   C  CA  . VAL A 1 2  ? -8.704  6.375   -0.162 1.00 85.20  ? 2   VAL A CA  1 
ATOM   9   C  C   . VAL A 1 2  ? -8.103  5.067   -0.655 1.00 81.30  ? 2   VAL A C   1 
ATOM   10  O  O   . VAL A 1 2  ? -8.113  4.779   -1.849 1.00 90.23  ? 2   VAL A O   1 
ATOM   11  C  CB  . VAL A 1 2  ? -10.236 6.235   -0.119 1.00 92.25  ? 2   VAL A CB  1 
ATOM   12  C  CG1 . VAL A 1 2  ? -10.645 5.159   0.884  1.00 80.00  ? 2   VAL A CG1 1 
ATOM   13  C  CG2 . VAL A 1 2  ? -10.889 7.565   0.232  1.00 93.79  ? 2   VAL A CG2 1 
ATOM   14  N  N   . CYS A 1 3  ? -7.566  4.281   0.270  1.00 78.22  ? 3   CYS A N   1 
ATOM   15  C  CA  . CYS A 1 3  ? -7.049  2.970   -0.082 1.00 75.32  ? 3   CYS A CA  1 
ATOM   16  C  C   . CYS A 1 3  ? -7.873  1.866   0.563  1.00 75.65  ? 3   CYS A C   1 
ATOM   17  O  O   . CYS A 1 3  ? -8.882  2.123   1.221  1.00 89.72  ? 3   CYS A O   1 
ATOM   18  C  CB  . CYS A 1 3  ? -5.579  2.836   0.318  1.00 73.89  ? 3   CYS A CB  1 
ATOM   19  S  SG  . CYS A 1 3  ? -5.294  2.438   2.054  1.00 66.45  ? 3   CYS A SG  1 
ATOM   20  N  N   . ALA A 1 4  ? -7.423  0.633   0.368  1.00 69.24  ? 4   ALA A N   1 
ATOM   21  C  CA  . ALA A 1 4  ? -8.197  -0.546  0.738  1.00 77.11  ? 4   ALA A CA  1 
ATOM   22  C  C   . ALA A 1 4  ? -8.027  -0.963  2.191  1.00 83.19  ? 4   ALA A C   1 
ATOM   23  O  O   . ALA A 1 4  ? -8.620  -1.944  2.623  1.00 97.11  ? 4   ALA A O   1 
ATOM   24  C  CB  . ALA A 1 4  ? -7.837  -1.715  -0.180 1.00 79.85  ? 4   ALA A CB  1 
ATOM   25  N  N   . ALA A 1 5  ? -7.223  -0.227  2.948  1.00 92.30  ? 5   ALA A N   1 
ATOM   26  C  CA  . ALA A 1 5  ? -7.021  -0.570  4.350  1.00 95.49  ? 5   ALA A CA  1 
ATOM   27  C  C   . ALA A 1 5  ? -8.303  -0.338  5.137  1.00 95.34  ? 5   ALA A C   1 
ATOM   28  O  O   . ALA A 1 5  ? -9.135  0.491   4.759  1.00 85.54  ? 5   ALA A O   1 
ATOM   29  C  CB  . ALA A 1 5  ? -5.877  0.232   4.947  1.00 77.51  ? 5   ALA A CB  1 
ATOM   30  N  N   . GLN A 1 6  ? -8.463  -1.097  6.216  1.00 96.82  ? 6   GLN A N   1 
ATOM   31  C  CA  . GLN A 1 6  ? -9.624  -0.973  7.080  1.00 101.61 ? 6   GLN A CA  1 
ATOM   32  C  C   . GLN A 1 6  ? -9.756  0.469   7.569  1.00 96.29  ? 6   GLN A C   1 
ATOM   33  O  O   . GLN A 1 6  ? -10.797 1.109   7.416  1.00 95.40  ? 6   GLN A O   1 
ATOM   34  C  CB  . GLN A 1 6  ? -9.505  -1.929  8.263  1.00 117.13 ? 6   GLN A CB  1 
ATOM   35  C  CG  . GLN A 1 6  ? -9.583  -3.402  7.900  1.00 121.20 ? 6   GLN A CG  1 
ATOM   36  C  CD  . GLN A 1 6  ? -8.293  -3.952  7.339  1.00 139.08 ? 6   GLN A CD  1 
ATOM   37  O  OE1 . GLN A 1 6  ? -7.253  -3.310  7.414  1.00 137.12 ? 6   GLN A OE1 1 
ATOM   38  N  NE2 . GLN A 1 6  ? -8.358  -5.146  6.764  1.00 140.70 ? 6   GLN A NE2 1 
ATOM   39  N  N   . ASN A 1 7  ? -8.677  0.981   8.147  1.00 100.85 ? 7   ASN A N   1 
ATOM   40  C  CA  . ASN A 1 7  ? -8.620  2.382   8.540  1.00 106.61 ? 7   ASN A CA  1 
ATOM   41  C  C   . ASN A 1 7  ? -7.695  3.178   7.634  1.00 98.90  ? 7   ASN A C   1 
ATOM   42  O  O   . ASN A 1 7  ? -6.608  3.589   8.047  1.00 97.69  ? 7   ASN A O   1 
ATOM   43  C  CB  . ASN A 1 7  ? -8.174  2.520   9.997  1.00 105.90 ? 7   ASN A CB  1 
ATOM   44  C  CG  . ASN A 1 7  ? -9.324  2.385   10.968 1.00 117.85 ? 7   ASN A CG  1 
ATOM   45  O  OD1 . ASN A 1 7  ? -10.364 1.812   10.638 1.00 131.98 ? 7   ASN A OD1 1 
ATOM   46  N  ND2 . ASN A 1 7  ? -9.144  2.907   12.176 1.00 120.24 ? 7   ASN A ND2 1 
ATOM   47  N  N   . CYS A 1 8  ? -8.131  3.387   6.396  1.00 89.05  ? 8   CYS A N   1 
ATOM   48  C  CA  . CYS A 1 8  ? -7.428  4.293   5.505  1.00 86.89  ? 8   CYS A CA  1 
ATOM   49  C  C   . CYS A 1 8  ? -7.408  5.666   6.156  1.00 91.43  ? 8   CYS A C   1 
ATOM   50  O  O   . CYS A 1 8  ? -8.452  6.283   6.375  1.00 94.74  ? 8   CYS A O   1 
ATOM   51  C  CB  . CYS A 1 8  ? -8.089  4.352   4.128  1.00 84.81  ? 8   CYS A CB  1 
ATOM   52  S  SG  . CYS A 1 8  ? -7.340  5.572   3.021  1.00 78.93  ? 8   CYS A SG  1 
ATOM   53  N  N   . GLN A 1 9  ? -6.207  6.133   6.471  1.00 87.38  ? 9   GLN A N   1 
ATOM   54  C  CA  . GLN A 1 9  ? -6.031  7.365   7.221  1.00 80.74  ? 9   GLN A CA  1 
ATOM   55  C  C   . GLN A 1 9  ? -6.155  8.589   6.318  1.00 80.33  ? 9   GLN A C   1 
ATOM   56  O  O   . GLN A 1 9  ? -5.664  9.668   6.653  1.00 98.29  ? 9   GLN A O   1 
ATOM   57  C  CB  . GLN A 1 9  ? -4.676  7.343   7.925  1.00 90.10  ? 9   GLN A CB  1 
ATOM   58  C  CG  . GLN A 1 9  ? -4.463  6.088   8.756  1.00 101.26 ? 9   GLN A CG  1 
ATOM   59  C  CD  . GLN A 1 9  ? -3.028  5.909   9.189  1.00 105.11 ? 9   GLN A CD  1 
ATOM   60  O  OE1 . GLN A 1 9  ? -2.148  6.664   8.783  1.00 102.01 ? 9   GLN A OE1 1 
ATOM   61  N  NE2 . GLN A 1 9  ? -2.781  4.901   10.016 1.00 109.90 ? 9   GLN A NE2 1 
ATOM   62  N  N   . ARG A 1 10 ? -6.841  8.392   5.192  1.00 87.87  ? 10  ARG A N   1 
ATOM   63  C  CA  . ARG A 1 10 ? -7.037  9.392   4.138  1.00 90.75  ? 10  ARG A CA  1 
ATOM   64  C  C   . ARG A 1 10 ? -5.872  10.363  3.968  1.00 86.41  ? 10  ARG A C   1 
ATOM   65  O  O   . ARG A 1 10 ? -6.004  11.551  4.265  1.00 101.33 ? 10  ARG A O   1 
ATOM   66  C  CB  . ARG A 1 10 ? -8.328  10.175  4.391  1.00 103.34 ? 10  ARG A CB  1 
ATOM   67  C  CG  . ARG A 1 10 ? -9.549  9.603   3.673  1.00 105.10 ? 10  ARG A CG  1 
ATOM   68  C  CD  . ARG A 1 10 ? -10.787 10.452  3.927  1.00 111.59 ? 10  ARG A CD  1 
ATOM   69  N  NE  . ARG A 1 10 ? -11.894 10.108  3.039  1.00 123.79 ? 10  ARG A NE  1 
ATOM   70  C  CZ  . ARG A 1 10 ? -12.169 10.745  1.907  1.00 127.26 ? 10  ARG A CZ  1 
ATOM   71  N  NH1 . ARG A 1 10 ? -11.419 11.764  1.521  1.00 110.53 ? 10  ARG A NH1 1 
ATOM   72  N  NH2 . ARG A 1 10 ? -13.198 10.364  1.162  1.00 129.90 ? 10  ARG A NH2 1 
ATOM   73  N  N   . PRO A 1 11 ? -4.723  9.855   3.493  1.00 87.52  ? 11  PRO A N   1 
ATOM   74  C  CA  . PRO A 1 11 ? -3.559  10.704  3.219  1.00 88.41  ? 11  PRO A CA  1 
ATOM   75  C  C   . PRO A 1 11 ? -3.884  11.796  2.209  1.00 97.43  ? 11  PRO A C   1 
ATOM   76  O  O   . PRO A 1 11 ? -4.239  11.507  1.066  1.00 93.89  ? 11  PRO A O   1 
ATOM   77  C  CB  . PRO A 1 11 ? -2.530  9.718   2.655  1.00 78.46  ? 11  PRO A CB  1 
ATOM   78  C  CG  . PRO A 1 11 ? -2.930  8.404   3.207  1.00 80.77  ? 11  PRO A CG  1 
ATOM   79  C  CD  . PRO A 1 11 ? -4.427  8.434   3.242  1.00 92.02  ? 11  PRO A CD  1 
ATOM   80  N  N   . CYS A 1 12 ? -3.772  13.045  2.647  1.00 95.50  ? 12  CYS A N   1 
ATOM   81  C  CA  . CYS A 1 12 ? -4.102  14.186  1.808  1.00 103.68 ? 12  CYS A CA  1 
ATOM   82  C  C   . CYS A 1 12 ? -2.890  15.081  1.599  1.00 101.77 ? 12  CYS A C   1 
ATOM   83  O  O   . CYS A 1 12 ? -2.629  15.988  2.392  1.00 106.09 ? 12  CYS A O   1 
ATOM   84  C  CB  . CYS A 1 12 ? -5.249  14.991  2.425  1.00 103.91 ? 12  CYS A CB  1 
ATOM   85  S  SG  . CYS A 1 12 ? -5.632  16.520  1.547  1.00 106.39 ? 12  CYS A SG  1 
ATOM   86  N  N   . LYS A 1 13 ? -2.150  14.818  0.527  1.00 105.98 ? 13  LYS A N   1 
ATOM   87  C  CA  . LYS A 1 13 ? -0.966  15.599  0.210  1.00 115.21 ? 13  LYS A CA  1 
ATOM   88  C  C   . LYS A 1 13 ? -0.510  15.316  -1.212 1.00 105.26 ? 13  LYS A C   1 
ATOM   89  O  O   . LYS A 1 13 ? -0.946  14.351  -1.834 1.00 118.65 ? 13  LYS A O   1 
ATOM   90  C  CB  . LYS A 1 13 ? 0.166   15.295  1.193  1.00 110.03 ? 13  LYS A CB  1 
ATOM   91  C  CG  . LYS A 1 13 ? 0.605   13.842  1.200  1.00 100.14 ? 13  LYS A CG  1 
ATOM   92  C  CD  . LYS A 1 13 ? 1.762   13.617  2.160  1.00 101.77 ? 13  LYS A CD  1 
ATOM   93  C  CE  . LYS A 1 13 ? 2.180   12.153  2.186  1.00 112.21 ? 13  LYS A CE  1 
ATOM   94  N  NZ  . LYS A 1 13 ? 3.340   11.918  3.091  1.00 110.68 ? 13  LYS A NZ  1 
ATOM   95  N  N   . ASP A 1 14 ? 0.366   16.168  -1.727 1.00 103.86 ? 14  ASP A N   1 
ATOM   96  C  CA  . ASP A 1 14 ? 0.982   15.925  -3.022 1.00 107.57 ? 14  ASP A CA  1 
ATOM   97  C  C   . ASP A 1 14 ? 2.020   14.821  -2.862 1.00 103.63 ? 14  ASP A C   1 
ATOM   98  O  O   . ASP A 1 14 ? 2.789   14.823  -1.898 1.00 108.59 ? 14  ASP A O   1 
ATOM   99  C  CB  . ASP A 1 14 ? 1.614   17.201  -3.576 1.00 114.89 ? 14  ASP A CB  1 
ATOM   100 C  CG  . ASP A 1 14 ? 0.601   18.316  -3.760 1.00 121.61 ? 14  ASP A CG  1 
ATOM   101 O  OD1 . ASP A 1 14 ? -0.607  18.013  -3.876 1.00 126.23 ? 14  ASP A OD1 1 
ATOM   102 O  OD2 . ASP A 1 14 ? 1.013   19.495  -3.796 1.00 118.73 ? 14  ASP A OD2 1 
ATOM   103 N  N   . LYS A 1 15 ? 2.021   13.885  -3.809 1.00 81.25  ? 15  LYS A N   1 
ATOM   104 C  CA  . LYS A 1 15 ? 2.847   12.673  -3.775 1.00 88.79  ? 15  LYS A CA  1 
ATOM   105 C  C   . LYS A 1 15 ? 2.368   11.685  -2.713 1.00 85.44  ? 15  LYS A C   1 
ATOM   106 O  O   . LYS A 1 15 ? 2.553   11.900  -1.517 1.00 81.55  ? 15  LYS A O   1 
ATOM   107 C  CB  . LYS A 1 15 ? 4.329   13.002  -3.552 1.00 93.19  ? 15  LYS A CB  1 
ATOM   108 C  CG  . LYS A 1 15 ? 5.005   13.677  -4.734 1.00 100.39 ? 15  LYS A CG  1 
ATOM   109 C  CD  . LYS A 1 15 ? 6.504   13.805  -4.513 1.00 98.95  ? 15  LYS A CD  1 
ATOM   110 C  CE  . LYS A 1 15 ? 7.189   14.385  -5.739 1.00 99.58  ? 15  LYS A CE  1 
ATOM   111 N  NZ  . LYS A 1 15 ? 8.667   14.493  -5.570 1.00 108.20 ? 15  LYS A NZ  1 
ATOM   112 N  N   . VAL A 1 16 ? 1.749   10.600  -3.170 1.00 81.56  ? 16  VAL A N   1 
ATOM   113 C  CA  . VAL A 1 16 ? 1.304   9.523   -2.294 1.00 74.45  ? 16  VAL A CA  1 
ATOM   114 C  C   . VAL A 1 16 ? 1.965   8.215   -2.717 1.00 66.40  ? 16  VAL A C   1 
ATOM   115 O  O   . VAL A 1 16 ? 2.033   7.913   -3.904 1.00 68.46  ? 16  VAL A O   1 
ATOM   116 C  CB  . VAL A 1 16 ? -0.228  9.355   -2.325 1.00 75.63  ? 16  VAL A CB  1 
ATOM   117 C  CG1 . VAL A 1 16 ? -0.672  8.342   -1.280 1.00 66.23  ? 16  VAL A CG1 1 
ATOM   118 C  CG2 . VAL A 1 16 ? -0.917  10.693  -2.100 1.00 84.64  ? 16  VAL A CG2 1 
ATOM   119 N  N   . ASP A 1 17 ? 2.457   7.445   -1.752 1.00 66.22  ? 17  ASP A N   1 
ATOM   120 C  CA  . ASP A 1 17 ? 3.140   6.188   -2.051 1.00 62.33  ? 17  ASP A CA  1 
ATOM   121 C  C   . ASP A 1 17 ? 2.206   4.992   -1.887 1.00 69.90  ? 17  ASP A C   1 
ATOM   122 O  O   . ASP A 1 17 ? 1.606   4.797   -0.832 1.00 70.73  ? 17  ASP A O   1 
ATOM   123 C  CB  . ASP A 1 17 ? 4.374   6.025   -1.160 1.00 66.97  ? 17  ASP A CB  1 
ATOM   124 C  CG  . ASP A 1 17 ? 5.389   7.132   -1.368 1.00 81.23  ? 17  ASP A CG  1 
ATOM   125 O  OD1 . ASP A 1 17 ? 5.567   7.568   -2.527 1.00 76.43  ? 17  ASP A OD1 1 
ATOM   126 O  OD2 . ASP A 1 17 ? 6.007   7.564   -0.374 1.00 104.47 ? 17  ASP A OD2 1 
ATOM   127 N  N   . TRP A 1 18 ? 2.087   4.191   -2.941 1.00 71.77  ? 18  TRP A N   1 
ATOM   128 C  CA  . TRP A 1 18 ? 1.183   3.044   -2.936 1.00 69.92  ? 18  TRP A CA  1 
ATOM   129 C  C   . TRP A 1 18 ? 1.930   1.715   -3.001 1.00 79.57  ? 18  TRP A C   1 
ATOM   130 O  O   . TRP A 1 18 ? 3.084   1.652   -3.423 1.00 70.98  ? 18  TRP A O   1 
ATOM   131 C  CB  . TRP A 1 18 ? 0.206   3.119   -4.112 1.00 63.84  ? 18  TRP A CB  1 
ATOM   132 C  CG  . TRP A 1 18 ? -0.654  4.340   -4.140 1.00 61.19  ? 18  TRP A CG  1 
ATOM   133 C  CD1 . TRP A 1 18 ? -0.271  5.599   -4.484 1.00 70.04  ? 18  TRP A CD1 1 
ATOM   134 C  CD2 . TRP A 1 18 ? -2.050  4.412   -3.836 1.00 57.84  ? 18  TRP A CD2 1 
ATOM   135 N  NE1 . TRP A 1 18 ? -1.337  6.455   -4.402 1.00 63.37  ? 18  TRP A NE1 1 
ATOM   136 C  CE2 . TRP A 1 18 ? -2.445  5.753   -4.007 1.00 58.94  ? 18  TRP A CE2 1 
ATOM   137 C  CE3 . TRP A 1 18 ? -3.006  3.479   -3.431 1.00 64.37  ? 18  TRP A CE3 1 
ATOM   138 C  CZ2 . TRP A 1 18 ? -3.749  6.181   -3.789 1.00 63.69  ? 18  TRP A CZ2 1 
ATOM   139 C  CZ3 . TRP A 1 18 ? -4.293  3.902   -3.216 1.00 62.56  ? 18  TRP A CZ3 1 
ATOM   140 C  CH2 . TRP A 1 18 ? -4.658  5.242   -3.397 1.00 56.37  ? 18  TRP A CH2 1 
ATOM   141 N  N   . VAL A 1 19 ? 1.255   0.656   -2.575 1.00 71.00  ? 19  VAL A N   1 
ATOM   142 C  CA  . VAL A 1 19 ? 1.779   -0.694  -2.705 1.00 77.20  ? 19  VAL A CA  1 
ATOM   143 C  C   . VAL A 1 19 ? 0.612   -1.649  -2.947 1.00 84.45  ? 19  VAL A C   1 
ATOM   144 O  O   . VAL A 1 19 ? -0.491  -1.431  -2.448 1.00 79.44  ? 19  VAL A O   1 
ATOM   145 C  CB  . VAL A 1 19 ? 2.585   -1.122  -1.455 1.00 81.66  ? 19  VAL A CB  1 
ATOM   146 C  CG1 . VAL A 1 19 ? 1.680   -1.245  -0.233 1.00 82.47  ? 19  VAL A CG1 1 
ATOM   147 C  CG2 . VAL A 1 19 ? 3.332   -2.425  -1.716 1.00 91.70  ? 19  VAL A CG2 1 
ATOM   148 N  N   . GLN A 1 20 ? 0.844   -2.691  -3.735 1.00 77.45  ? 20  GLN A N   1 
ATOM   149 C  CA  . GLN A 1 20 ? -0.223  -3.627  -4.073 1.00 87.09  ? 20  GLN A CA  1 
ATOM   150 C  C   . GLN A 1 20 ? 0.030   -5.003  -3.470 1.00 91.67  ? 20  GLN A C   1 
ATOM   151 O  O   . GLN A 1 20 ? 1.168   -5.468  -3.409 1.00 93.18  ? 20  GLN A O   1 
ATOM   152 C  CB  . GLN A 1 20 ? -0.379  -3.738  -5.591 1.00 88.92  ? 20  GLN A CB  1 
ATOM   153 C  CG  . GLN A 1 20 ? -1.633  -4.481  -6.014 1.00 94.56  ? 20  GLN A CG  1 
ATOM   154 C  CD  . GLN A 1 20 ? -1.790  -4.556  -7.518 1.00 89.98  ? 20  GLN A CD  1 
ATOM   155 O  OE1 . GLN A 1 20 ? -0.831  -4.372  -8.265 1.00 90.58  ? 20  GLN A OE1 1 
ATOM   156 N  NE2 . GLN A 1 20 ? -3.008  -4.824  -7.971 1.00 93.27  ? 20  GLN A NE2 1 
ATOM   157 N  N   . CYS A 1 21 ? -1.045  -5.648  -3.027 1.00 91.51  ? 21  CYS A N   1 
ATOM   158 C  CA  . CYS A 1 21 ? -0.957  -6.957  -2.399 1.00 100.12 ? 21  CYS A CA  1 
ATOM   159 C  C   . CYS A 1 21 ? -0.617  -8.045  -3.411 1.00 101.01 ? 21  CYS A C   1 
ATOM   160 O  O   . CYS A 1 21 ? -1.151  -8.066  -4.519 1.00 97.59  ? 21  CYS A O   1 
ATOM   161 C  CB  . CYS A 1 21 ? -2.272  -7.293  -1.691 1.00 100.18 ? 21  CYS A CB  1 
ATOM   162 S  SG  . CYS A 1 21 ? -2.268  -8.874  -0.819 1.00 102.08 ? 21  CYS A SG  1 
ATOM   163 N  N   . ASP A 1 22 ? 0.284   -8.942  -3.023 1.00 99.16  ? 22  ASP A N   1 
ATOM   164 C  CA  . ASP A 1 22 ? 0.625   -10.096 -3.846 1.00 102.59 ? 22  ASP A CA  1 
ATOM   165 C  C   . ASP A 1 22 ? -0.242  -11.286 -3.458 1.00 117.36 ? 22  ASP A C   1 
ATOM   166 O  O   . ASP A 1 22 ? -0.416  -12.220 -4.237 1.00 116.99 ? 22  ASP A O   1 
ATOM   167 C  CB  . ASP A 1 22 ? 2.101   -10.458 -3.688 1.00 93.01  ? 22  ASP A CB  1 
ATOM   168 C  CG  . ASP A 1 22 ? 3.024   -9.327  -4.079 1.00 102.08 ? 22  ASP A CG  1 
ATOM   169 O  OD1 . ASP A 1 22 ? 2.811   -8.719  -5.150 1.00 110.15 ? 22  ASP A OD1 1 
ATOM   170 O  OD2 . ASP A 1 22 ? 3.964   -9.044  -3.310 1.00 98.54  ? 22  ASP A OD2 1 
ATOM   171 N  N   . GLY A 1 23 ? -0.795  -11.231 -2.250 1.00 114.64 ? 23  GLY A N   1 
ATOM   172 C  CA  . GLY A 1 23 ? -1.507  -12.353 -1.663 1.00 116.66 ? 23  GLY A CA  1 
ATOM   173 C  C   . GLY A 1 23 ? -2.785  -12.782 -2.357 1.00 121.33 ? 23  GLY A C   1 
ATOM   174 O  O   . GLY A 1 23 ? -3.393  -13.780 -1.970 1.00 118.47 ? 23  GLY A O   1 
ATOM   175 N  N   . GLY A 1 24 ? -3.209  -12.038 -3.374 1.00 116.86 ? 24  GLY A N   1 
ATOM   176 C  CA  . GLY A 1 24 ? -4.367  -12.440 -4.149 1.00 106.70 ? 24  GLY A CA  1 
ATOM   177 C  C   . GLY A 1 24 ? -5.342  -11.338 -4.512 1.00 115.35 ? 24  GLY A C   1 
ATOM   178 O  O   . GLY A 1 24 ? -5.657  -11.155 -5.686 1.00 119.53 ? 24  GLY A O   1 
ATOM   179 N  N   . CYS A 1 25 ? -5.818  -10.605 -3.509 1.00 113.35 ? 25  CYS A N   1 
ATOM   180 C  CA  . CYS A 1 25 ? -6.877  -9.616  -3.712 1.00 102.25 ? 25  CYS A CA  1 
ATOM   181 C  C   . CYS A 1 25 ? -6.486  -8.539  -4.719 1.00 104.86 ? 25  CYS A C   1 
ATOM   182 O  O   . CYS A 1 25 ? -7.353  -7.884  -5.296 1.00 86.85  ? 25  CYS A O   1 
ATOM   183 C  CB  . CYS A 1 25 ? -7.268  -8.965  -2.380 1.00 103.89 ? 25  CYS A CB  1 
ATOM   184 S  SG  . CYS A 1 25 ? -6.165  -7.649  -1.812 1.00 105.60 ? 25  CYS A SG  1 
ATOM   185 N  N   . ASP A 1 26 ? -5.181  -8.367  -4.919 1.00 110.46 ? 26  ASP A N   1 
ATOM   186 C  CA  . ASP A 1 26 ? -4.646  -7.448  -5.924 1.00 104.93 ? 26  ASP A CA  1 
ATOM   187 C  C   . ASP A 1 26 ? -5.177  -6.027  -5.777 1.00 100.19 ? 26  ASP A C   1 
ATOM   188 O  O   . ASP A 1 26 ? -5.374  -5.328  -6.770 1.00 104.17 ? 26  ASP A O   1 
ATOM   189 C  CB  . ASP A 1 26 ? -4.951  -7.964  -7.333 1.00 108.41 ? 26  ASP A CB  1 
ATOM   190 C  CG  . ASP A 1 26 ? -3.937  -8.981  -7.815 1.00 112.55 ? 26  ASP A CG  1 
ATOM   191 O  OD1 . ASP A 1 26 ? -3.286  -9.624  -6.965 1.00 116.05 ? 26  ASP A OD1 1 
ATOM   192 O  OD2 . ASP A 1 26 ? -3.789  -9.132  -9.045 1.00 114.90 ? 26  ASP A OD2 1 
ATOM   193 N  N   . GLU A 1 27 ? -5.413  -5.603  -4.541 1.00 85.49  ? 27  GLU A N   1 
ATOM   194 C  CA  . GLU A 1 27 ? -5.880  -4.246  -4.294 1.00 80.68  ? 27  GLU A CA  1 
ATOM   195 C  C   . GLU A 1 27 ? -4.748  -3.361  -3.790 1.00 82.56  ? 27  GLU A C   1 
ATOM   196 O  O   . GLU A 1 27 ? -3.731  -3.848  -3.293 1.00 78.53  ? 27  GLU A O   1 
ATOM   197 C  CB  . GLU A 1 27 ? -7.046  -4.241  -3.303 1.00 93.11  ? 27  GLU A CB  1 
ATOM   198 C  CG  . GLU A 1 27 ? -8.346  -4.758  -3.890 1.00 104.04 ? 27  GLU A CG  1 
ATOM   199 C  CD  . GLU A 1 27 ? -9.559  -4.294  -3.113 1.00 108.72 ? 27  GLU A CD  1 
ATOM   200 O  OE1 . GLU A 1 27 ? -9.476  -4.209  -1.868 1.00 104.65 ? 27  GLU A OE1 1 
ATOM   201 O  OE2 . GLU A 1 27 ? -10.593 -4.008  -3.753 1.00 121.34 ? 27  GLU A OE2 1 
ATOM   202 N  N   . TRP A 1 28 ? -4.936  -2.053  -3.932 1.00 88.27  ? 28  TRP A N   1 
ATOM   203 C  CA  . TRP A 1 28 ? -3.897  -1.085  -3.605 1.00 83.68  ? 28  TRP A CA  1 
ATOM   204 C  C   . TRP A 1 28 ? -4.069  -0.456  -2.233 1.00 78.40  ? 28  TRP A C   1 
ATOM   205 O  O   . TRP A 1 28 ? -5.187  -0.217  -1.776 1.00 78.53  ? 28  TRP A O   1 
ATOM   206 C  CB  . TRP A 1 28 ? -3.850  0.010   -4.669 1.00 76.25  ? 28  TRP A CB  1 
ATOM   207 C  CG  . TRP A 1 28 ? -3.250  -0.451  -5.944 1.00 79.00  ? 28  TRP A CG  1 
ATOM   208 C  CD1 . TRP A 1 28 ? -3.908  -0.970  -7.022 1.00 71.29  ? 28  TRP A CD1 1 
ATOM   209 C  CD2 . TRP A 1 28 ? -1.858  -0.456  -6.284 1.00 79.72  ? 28  TRP A CD2 1 
ATOM   210 N  NE1 . TRP A 1 28 ? -3.011  -1.288  -8.014 1.00 78.10  ? 28  TRP A NE1 1 
ATOM   211 C  CE2 . TRP A 1 28 ? -1.746  -0.982  -7.583 1.00 74.98  ? 28  TRP A CE2 1 
ATOM   212 C  CE3 . TRP A 1 28 ? -0.697  -0.059  -5.611 1.00 76.59  ? 28  TRP A CE3 1 
ATOM   213 C  CZ2 . TRP A 1 28 ? -0.519  -1.124  -8.228 1.00 65.07  ? 28  TRP A CZ2 1 
ATOM   214 C  CZ3 . TRP A 1 28 ? 0.518   -0.201  -6.254 1.00 78.77  ? 28  TRP A CZ3 1 
ATOM   215 C  CH2 . TRP A 1 28 ? 0.599   -0.729  -7.546 1.00 77.93  ? 28  TRP A CH2 1 
ATOM   216 N  N   . PHE A 1 29 ? -2.938  -0.180  -1.594 1.00 79.59  ? 29  PHE A N   1 
ATOM   217 C  CA  . PHE A 1 29 ? -2.911  0.415   -0.269 1.00 77.52  ? 29  PHE A CA  1 
ATOM   218 C  C   . PHE A 1 29 ? -1.933  1.578   -0.220 1.00 75.51  ? 29  PHE A C   1 
ATOM   219 O  O   . PHE A 1 29 ? -0.901  1.554   -0.887 1.00 74.56  ? 29  PHE A O   1 
ATOM   220 C  CB  . PHE A 1 29 ? -2.507  -0.620  0.785  1.00 84.69  ? 29  PHE A CB  1 
ATOM   221 C  CG  . PHE A 1 29 ? -3.343  -1.864  0.773  1.00 91.55  ? 29  PHE A CG  1 
ATOM   222 C  CD1 . PHE A 1 29 ? -4.454  -1.976  1.588  1.00 101.43 ? 29  PHE A CD1 1 
ATOM   223 C  CD2 . PHE A 1 29 ? -3.011  -2.929  -0.047 1.00 100.18 ? 29  PHE A CD2 1 
ATOM   224 C  CE1 . PHE A 1 29 ? -5.223  -3.125  1.582  1.00 92.66  ? 29  PHE A CE1 1 
ATOM   225 C  CE2 . PHE A 1 29 ? -3.775  -4.079  -0.063 1.00 100.98 ? 29  PHE A CE2 1 
ATOM   226 C  CZ  . PHE A 1 29 ? -4.886  -4.179  0.755  1.00 80.95  ? 29  PHE A CZ  1 
ATOM   227 N  N   . HIS A 1 30 ? -2.261  2.594   0.571  1.00 78.35  ? 30  HIS A N   1 
ATOM   228 C  CA  . HIS A 1 30 ? -1.285  3.610   0.926  1.00 63.66  ? 30  HIS A CA  1 
ATOM   229 C  C   . HIS A 1 30 ? -0.232  2.949   1.807  1.00 67.10  ? 30  HIS A C   1 
ATOM   230 O  O   . HIS A 1 30 ? -0.579  2.258   2.764  1.00 71.16  ? 30  HIS A O   1 
ATOM   231 C  CB  . HIS A 1 30 ? -1.939  4.776   1.667  1.00 77.81  ? 30  HIS A CB  1 
ATOM   232 C  CG  . HIS A 1 30 ? -3.004  5.476   0.885  1.00 71.75  ? 30  HIS A CG  1 
ATOM   233 N  ND1 . HIS A 1 30 ? -4.254  5.749   1.407  1.00 70.42  ? 30  HIS A ND1 1 
ATOM   234 C  CD2 . HIS A 1 30 ? -3.009  5.977   -0.373 1.00 65.41  ? 30  HIS A CD2 1 
ATOM   235 C  CE1 . HIS A 1 30 ? -4.978  6.377   0.502  1.00 75.21  ? 30  HIS A CE1 1 
ATOM   236 N  NE2 . HIS A 1 30 ? -4.249  6.532   -0.585 1.00 72.01  ? 30  HIS A NE2 1 
ATOM   237 N  N   . GLN A 1 31 ? 1.045   3.141   1.484  1.00 76.06  ? 31  GLN A N   1 
ATOM   238 C  CA  . GLN A 1 31 ? 2.125   2.540   2.267  1.00 71.42  ? 31  GLN A CA  1 
ATOM   239 C  C   . GLN A 1 31 ? 2.027   2.939   3.734  1.00 81.51  ? 31  GLN A C   1 
ATOM   240 O  O   . GLN A 1 31 ? 2.255   2.125   4.627  1.00 75.51  ? 31  GLN A O   1 
ATOM   241 C  CB  . GLN A 1 31 ? 3.492   2.939   1.711  1.00 73.62  ? 31  GLN A CB  1 
ATOM   242 C  CG  . GLN A 1 31 ? 3.828   2.308   0.376  1.00 76.41  ? 31  GLN A CG  1 
ATOM   243 C  CD  . GLN A 1 31 ? 5.228   2.658   -0.086 1.00 75.69  ? 31  GLN A CD  1 
ATOM   244 O  OE1 . GLN A 1 31 ? 5.965   3.360   0.607  1.00 84.12  ? 31  GLN A OE1 1 
ATOM   245 N  NE2 . GLN A 1 31 ? 5.601   2.172   -1.263 1.00 71.88  ? 31  GLN A NE2 1 
ATOM   246 N  N   . VAL A 1 32 ? 1.682   4.201   3.964  1.00 75.23  ? 32  VAL A N   1 
ATOM   247 C  CA  . VAL A 1 32 ? 1.487   4.725   5.309  1.00 67.10  ? 32  VAL A CA  1 
ATOM   248 C  C   . VAL A 1 32 ? 0.396   3.959   6.057  1.00 77.69  ? 32  VAL A C   1 
ATOM   249 O  O   . VAL A 1 32 ? 0.570   3.603   7.223  1.00 86.71  ? 32  VAL A O   1 
ATOM   250 C  CB  . VAL A 1 32 ? 1.134   6.231   5.265  1.00 83.60  ? 32  VAL A CB  1 
ATOM   251 C  CG1 . VAL A 1 32 ? 0.402   6.664   6.527  1.00 102.06 ? 32  VAL A CG1 1 
ATOM   252 C  CG2 . VAL A 1 32 ? 2.390   7.064   5.045  1.00 87.44  ? 32  VAL A CG2 1 
ATOM   253 N  N   . CYS A 1 33 ? -0.713  3.688   5.373  1.00 77.26  ? 33  CYS A N   1 
ATOM   254 C  CA  . CYS A 1 33 ? -1.861  3.037   5.996  1.00 73.23  ? 33  CYS A CA  1 
ATOM   255 C  C   . CYS A 1 33 ? -1.586  1.592   6.416  1.00 84.71  ? 33  CYS A C   1 
ATOM   256 O  O   . CYS A 1 33 ? -2.303  1.040   7.251  1.00 100.46 ? 33  CYS A O   1 
ATOM   257 C  CB  . CYS A 1 33 ? -3.061  3.076   5.049  1.00 75.36  ? 33  CYS A CB  1 
ATOM   258 S  SG  . CYS A 1 33 ? -3.720  4.728   4.764  1.00 75.85  ? 33  CYS A SG  1 
ATOM   259 N  N   . VAL A 1 34 ? -0.552  0.980   5.846  1.00 80.89  ? 34  VAL A N   1 
ATOM   260 C  CA  . VAL A 1 34 ? -0.203  -0.393  6.198  1.00 80.04  ? 34  VAL A CA  1 
ATOM   261 C  C   . VAL A 1 34 ? 1.138   -0.461  6.921  1.00 84.21  ? 34  VAL A C   1 
ATOM   262 O  O   . VAL A 1 34 ? 1.621   -1.546  7.246  1.00 86.72  ? 34  VAL A O   1 
ATOM   263 C  CB  . VAL A 1 34 ? -0.155  -1.303  4.957  1.00 91.73  ? 34  VAL A CB  1 
ATOM   264 C  CG1 . VAL A 1 34 ? -1.509  -1.322  4.265  1.00 83.37  ? 34  VAL A CG1 1 
ATOM   265 C  CG2 . VAL A 1 34 ? 0.930   -0.843  4.004  1.00 94.85  ? 34  VAL A CG2 1 
ATOM   266 N  N   . GLY A 1 35 ? 1.733   0.703   7.166  1.00 90.14  ? 35  GLY A N   1 
ATOM   267 C  CA  . GLY A 1 35 ? 2.961   0.801   7.936  1.00 96.70  ? 35  GLY A CA  1 
ATOM   268 C  C   . GLY A 1 35 ? 4.141   0.057   7.341  1.00 85.19  ? 35  GLY A C   1 
ATOM   269 O  O   . GLY A 1 35 ? 4.777   -0.750  8.020  1.00 92.09  ? 35  GLY A O   1 
ATOM   270 N  N   . VAL A 1 36 ? 4.435   0.321   6.072  1.00 95.81  ? 36  VAL A N   1 
ATOM   271 C  CA  . VAL A 1 36 ? 5.590   -0.284  5.424  1.00 104.17 ? 36  VAL A CA  1 
ATOM   272 C  C   . VAL A 1 36 ? 6.487   0.794   4.828  1.00 97.39  ? 36  VAL A C   1 
ATOM   273 O  O   . VAL A 1 36 ? 6.034   1.897   4.519  1.00 96.35  ? 36  VAL A O   1 
ATOM   274 C  CB  . VAL A 1 36 ? 5.180   -1.276  4.320  1.00 103.70 ? 36  VAL A CB  1 
ATOM   275 C  CG1 . VAL A 1 36 ? 4.309   -2.385  4.900  1.00 112.76 ? 36  VAL A CG1 1 
ATOM   276 C  CG2 . VAL A 1 36 ? 4.463   -0.555  3.188  1.00 100.19 ? 36  VAL A CG2 1 
ATOM   277 N  N   . SER A 1 37 ? 7.765   0.467   4.674  1.00 99.98  ? 37  SER A N   1 
ATOM   278 C  CA  . SER A 1 37 ? 8.739   1.414   4.154  1.00 103.50 ? 37  SER A CA  1 
ATOM   279 C  C   . SER A 1 37 ? 9.057   1.100   2.694  1.00 106.64 ? 37  SER A C   1 
ATOM   280 O  O   . SER A 1 37 ? 9.039   -0.062  2.292  1.00 112.78 ? 37  SER A O   1 
ATOM   281 C  CB  . SER A 1 37 ? 10.010  1.386   5.005  1.00 108.49 ? 37  SER A CB  1 
ATOM   282 O  OG  . SER A 1 37 ? 9.713   1.669   6.361  1.00 122.67 ? 37  SER A OG  1 
ATOM   283 N  N   . PRO A 1 38 ? 9.337   2.144   1.894  1.00 105.12 ? 38  PRO A N   1 
ATOM   284 C  CA  . PRO A 1 38 ? 9.646   2.041   0.461  1.00 97.71  ? 38  PRO A CA  1 
ATOM   285 C  C   . PRO A 1 38 ? 10.638  0.927   0.115  1.00 105.13 ? 38  PRO A C   1 
ATOM   286 O  O   . PRO A 1 38 ? 10.493  0.276   -0.921 1.00 113.16 ? 38  PRO A O   1 
ATOM   287 C  CB  . PRO A 1 38 ? 10.242  3.411   0.144  1.00 101.37 ? 38  PRO A CB  1 
ATOM   288 C  CG  . PRO A 1 38 ? 9.539   4.330   1.079  1.00 84.24  ? 38  PRO A CG  1 
ATOM   289 C  CD  . PRO A 1 38 ? 9.325   3.547   2.348  1.00 94.06  ? 38  PRO A CD  1 
ATOM   290 N  N   . GLU A 1 39 ? 11.626  0.712   0.977  1.00 106.71 ? 39  GLU A N   1 
ATOM   291 C  CA  . GLU A 1 39 ? 12.597  -0.359  0.777  1.00 111.43 ? 39  GLU A CA  1 
ATOM   292 C  C   . GLU A 1 39 ? 11.905  -1.713  0.896  1.00 109.55 ? 39  GLU A C   1 
ATOM   293 O  O   . GLU A 1 39 ? 12.098  -2.593  0.058  1.00 113.21 ? 39  GLU A O   1 
ATOM   294 C  CB  . GLU A 1 39 ? 13.742  -0.257  1.787  1.00 120.71 ? 39  GLU A CB  1 
ATOM   295 C  CG  . GLU A 1 39 ? 14.059  1.161   2.235  1.00 123.21 ? 39  GLU A CG  1 
ATOM   296 C  CD  . GLU A 1 39 ? 13.166  1.621   3.373  1.00 124.72 ? 39  GLU A CD  1 
ATOM   297 O  OE1 . GLU A 1 39 ? 13.175  0.965   4.436  1.00 131.69 ? 39  GLU A OE1 1 
ATOM   298 O  OE2 . GLU A 1 39 ? 12.444  2.626   3.195  1.00 119.53 ? 39  GLU A OE2 1 
ATOM   299 N  N   . MET A 1 40 ? 11.091  -1.869  1.938  1.00 102.61 ? 40  MET A N   1 
ATOM   300 C  CA  . MET A 1 40 ? 10.300  -3.082  2.119  1.00 108.45 ? 40  MET A CA  1 
ATOM   301 C  C   . MET A 1 40 ? 9.346   -3.273  0.948  1.00 104.73 ? 40  MET A C   1 
ATOM   302 O  O   . MET A 1 40 ? 8.998   -4.396  0.588  1.00 104.98 ? 40  MET A O   1 
ATOM   303 C  CB  . MET A 1 40 ? 9.505   -3.027  3.426  1.00 109.09 ? 40  MET A CB  1 
ATOM   304 C  CG  . MET A 1 40 ? 10.339  -2.839  4.680  1.00 118.36 ? 40  MET A CG  1 
ATOM   305 S  SD  . MET A 1 40 ? 9.324   -2.798  6.171  1.00 134.34 ? 40  MET A SD  1 
ATOM   306 C  CE  . MET A 1 40 ? 8.429   -4.339  6.006  1.00 118.01 ? 40  MET A CE  1 
ATOM   307 N  N   . ALA A 1 41 ? 8.926   -2.159  0.358  1.00 105.57 ? 41  ALA A N   1 
ATOM   308 C  CA  . ALA A 1 41 ? 7.991   -2.179  -0.757 1.00 107.42 ? 41  ALA A CA  1 
ATOM   309 C  C   . ALA A 1 41 ? 8.643   -2.703  -2.036 1.00 106.76 ? 41  ALA A C   1 
ATOM   310 O  O   . ALA A 1 41 ? 8.078   -3.552  -2.725 1.00 103.41 ? 41  ALA A O   1 
ATOM   311 C  CB  . ALA A 1 41 ? 7.421   -0.789  -0.984 1.00 104.29 ? 41  ALA A CB  1 
ATOM   312 N  N   . GLU A 1 42 ? 9.834   -2.202  -2.347 1.00 98.64  ? 42  GLU A N   1 
ATOM   313 C  CA  . GLU A 1 42 ? 10.486  -2.538  -3.610 1.00 107.17 ? 42  GLU A CA  1 
ATOM   314 C  C   . GLU A 1 42 ? 11.313  -3.817  -3.546 1.00 114.69 ? 42  GLU A C   1 
ATOM   315 O  O   . GLU A 1 42 ? 11.538  -4.457  -4.570 1.00 116.82 ? 42  GLU A O   1 
ATOM   316 C  CB  . GLU A 1 42 ? 11.370  -1.378  -4.067 1.00 114.60 ? 42  GLU A CB  1 
ATOM   317 C  CG  . GLU A 1 42 ? 10.615  -0.315  -4.842 1.00 112.08 ? 42  GLU A CG  1 
ATOM   318 C  CD  . GLU A 1 42 ? 11.200  1.070   -4.670 1.00 123.59 ? 42  GLU A CD  1 
ATOM   319 O  OE1 . GLU A 1 42 ? 12.412  1.180   -4.392 1.00 131.83 ? 42  GLU A OE1 1 
ATOM   320 O  OE2 . GLU A 1 42 ? 10.437  2.049   -4.802 1.00 114.25 ? 42  GLU A OE2 1 
ATOM   321 N  N   . ASN A 1 43 ? 11.753  -4.198  -2.352 1.00 114.88 ? 43  ASN A N   1 
ATOM   322 C  CA  . ASN A 1 43 ? 12.667  -5.331  -2.225 1.00 110.33 ? 43  ASN A CA  1 
ATOM   323 C  C   . ASN A 1 43 ? 11.991  -6.668  -1.918 1.00 109.47 ? 43  ASN A C   1 
ATOM   324 O  O   . ASN A 1 43 ? 12.499  -7.721  -2.306 1.00 119.79 ? 43  ASN A O   1 
ATOM   325 C  CB  . ASN A 1 43 ? 13.715  -5.032  -1.153 1.00 113.78 ? 43  ASN A CB  1 
ATOM   326 C  CG  . ASN A 1 43 ? 14.596  -3.851  -1.517 1.00 117.85 ? 43  ASN A CG  1 
ATOM   327 O  OD1 . ASN A 1 43 ? 14.265  -3.067  -2.407 1.00 118.16 ? 43  ASN A OD1 1 
ATOM   328 N  ND2 . ASN A 1 43 ? 15.724  -3.718  -0.830 1.00 124.37 ? 43  ASN A ND2 1 
ATOM   329 N  N   . GLU A 1 44 ? 10.856  -6.634  -1.227 1.00 109.99 ? 44  GLU A N   1 
ATOM   330 C  CA  . GLU A 1 44 ? 10.174  -7.872  -0.860 1.00 117.90 ? 44  GLU A CA  1 
ATOM   331 C  C   . GLU A 1 44 ? 8.679   -7.822  -1.154 1.00 106.29 ? 44  GLU A C   1 
ATOM   332 O  O   . GLU A 1 44 ? 8.129   -6.764  -1.461 1.00 115.20 ? 44  GLU A O   1 
ATOM   333 C  CB  . GLU A 1 44 ? 10.405  -8.185  0.620  1.00 124.08 ? 44  GLU A CB  1 
ATOM   334 C  CG  . GLU A 1 44 ? 9.570   -7.354  1.575  1.00 122.74 ? 44  GLU A CG  1 
ATOM   335 C  CD  . GLU A 1 44 ? 10.063  -7.442  3.005  1.00 139.10 ? 44  GLU A CD  1 
ATOM   336 O  OE1 . GLU A 1 44 ? 11.232  -7.080  3.251  1.00 137.74 ? 44  GLU A OE1 1 
ATOM   337 O  OE2 . GLU A 1 44 ? 9.283   -7.874  3.881  1.00 146.66 ? 44  GLU A OE2 1 
ATOM   338 N  N   . ASP A 1 45 ? 8.029   -8.977  -1.063 1.00 99.03  ? 45  ASP A N   1 
ATOM   339 C  CA  . ASP A 1 45 ? 6.602   -9.081  -1.338 1.00 103.25 ? 45  ASP A CA  1 
ATOM   340 C  C   . ASP A 1 45 ? 5.763   -8.500  -0.206 1.00 100.64 ? 45  ASP A C   1 
ATOM   341 O  O   . ASP A 1 45 ? 6.234   -8.360  0.922  1.00 105.87 ? 45  ASP A O   1 
ATOM   342 C  CB  . ASP A 1 45 ? 6.209   -10.541 -1.574 1.00 103.80 ? 45  ASP A CB  1 
ATOM   343 C  CG  . ASP A 1 45 ? 6.947   -11.162 -2.741 1.00 115.93 ? 45  ASP A CG  1 
ATOM   344 O  OD1 . ASP A 1 45 ? 7.395   -10.408 -3.630 1.00 123.56 ? 45  ASP A OD1 1 
ATOM   345 O  OD2 . ASP A 1 45 ? 7.077   -12.405 -2.772 1.00 116.74 ? 45  ASP A OD2 1 
ATOM   346 N  N   . TYR A 1 46 ? 4.514   -8.163  -0.517 1.00 99.27  ? 46  TYR A N   1 
ATOM   347 C  CA  . TYR A 1 46 ? 3.575   -7.722  0.505  1.00 101.18 ? 46  TYR A CA  1 
ATOM   348 C  C   . TYR A 1 46 ? 2.300   -8.552  0.480  1.00 95.09  ? 46  TYR A C   1 
ATOM   349 O  O   . TYR A 1 46 ? 1.584   -8.581  -0.523 1.00 90.57  ? 46  TYR A O   1 
ATOM   350 C  CB  . TYR A 1 46 ? 3.223   -6.240  0.335  1.00 109.90 ? 46  TYR A CB  1 
ATOM   351 C  CG  . TYR A 1 46 ? 2.210   -5.756  1.353  1.00 99.50  ? 46  TYR A CG  1 
ATOM   352 C  CD1 . TYR A 1 46 ? 2.591   -5.477  2.657  1.00 97.67  ? 46  TYR A CD1 1 
ATOM   353 C  CD2 . TYR A 1 46 ? 0.872   -5.590  1.014  1.00 103.28 ? 46  TYR A CD2 1 
ATOM   354 C  CE1 . TYR A 1 46 ? 1.672   -5.043  3.596  1.00 101.79 ? 46  TYR A CE1 1 
ATOM   355 C  CE2 . TYR A 1 46 ? -0.054  -5.156  1.947  1.00 96.73  ? 46  TYR A CE2 1 
ATOM   356 C  CZ  . TYR A 1 46 ? 0.352   -4.884  3.236  1.00 97.78  ? 46  TYR A CZ  1 
ATOM   357 O  OH  . TYR A 1 46 ? -0.563  -4.454  4.170  1.00 104.83 ? 46  TYR A OH  1 
ATOM   358 N  N   . ILE A 1 47 ? 2.023   -9.225  1.591  1.00 100.08 ? 47  ILE A N   1 
ATOM   359 C  CA  . ILE A 1 47 ? 0.749   -9.903  1.775  1.00 99.63  ? 47  ILE A CA  1 
ATOM   360 C  C   . ILE A 1 47 ? -0.099  -9.063  2.722  1.00 92.22  ? 47  ILE A C   1 
ATOM   361 O  O   . ILE A 1 47 ? 0.311   -8.801  3.853  1.00 95.68  ? 47  ILE A O   1 
ATOM   362 C  CB  . ILE A 1 47 ? 0.920   -11.322 2.356  1.00 102.07 ? 47  ILE A CB  1 
ATOM   363 C  CG1 . ILE A 1 47 ? 2.250   -11.943 1.914  1.00 85.15  ? 47  ILE A CG1 1 
ATOM   364 C  CG2 . ILE A 1 47 ? -0.268  -12.197 1.980  1.00 97.70  ? 47  ILE A CG2 1 
ATOM   365 C  CD1 . ILE A 1 47 ? 2.325   -12.290 0.446  1.00 81.78  ? 47  ILE A CD1 1 
ATOM   366 N  N   . CYS A 1 48 ? -1.272  -8.635  2.266  1.00 99.72  ? 48  CYS A N   1 
ATOM   367 C  CA  . CYS A 1 48 ? -2.161  -7.833  3.101  1.00 106.82 ? 48  CYS A CA  1 
ATOM   368 C  C   . CYS A 1 48 ? -2.733  -8.672  4.241  1.00 104.36 ? 48  CYS A C   1 
ATOM   369 O  O   . CYS A 1 48 ? -2.442  -9.860  4.360  1.00 104.56 ? 48  CYS A O   1 
ATOM   370 C  CB  . CYS A 1 48 ? -3.294  -7.230  2.270  1.00 105.79 ? 48  CYS A CB  1 
ATOM   371 S  SG  . CYS A 1 48 ? -4.676  -8.348  1.970  1.00 101.00 ? 48  CYS A SG  1 
ATOM   372 N  N   . ILE A 1 49 ? -3.546  -8.054  5.085  1.00 97.52  ? 49  ILE A N   1 
ATOM   373 C  CA  . ILE A 1 49 ? -4.101  -8.760  6.234  1.00 112.67 ? 49  ILE A CA  1 
ATOM   374 C  C   . ILE A 1 49 ? -5.127  -9.830  5.821  1.00 116.58 ? 49  ILE A C   1 
ATOM   375 O  O   . ILE A 1 49 ? -5.145  -10.929 6.381  1.00 115.03 ? 49  ILE A O   1 
ATOM   376 C  CB  . ILE A 1 49 ? -4.736  -7.765  7.237  1.00 111.01 ? 49  ILE A CB  1 
ATOM   377 C  CG1 . ILE A 1 49 ? -5.443  -8.512  8.369  1.00 120.78 ? 49  ILE A CG1 1 
ATOM   378 C  CG2 . ILE A 1 49 ? -5.707  -6.806  6.541  1.00 103.66 ? 49  ILE A CG2 1 
ATOM   379 C  CD1 . ILE A 1 49 ? -4.500  -9.125  9.399  1.00 118.41 ? 49  ILE A CD1 1 
ATOM   380 N  N   . ASN A 1 50 ? -5.952  -9.523  4.823  1.00 116.57 ? 50  ASN A N   1 
ATOM   381 C  CA  . ASN A 1 50 ? -6.947  -10.479 4.346  1.00 106.45 ? 50  ASN A CA  1 
ATOM   382 C  C   . ASN A 1 50 ? -6.318  -11.640 3.578  1.00 105.57 ? 50  ASN A C   1 
ATOM   383 O  O   . ASN A 1 50 ? -6.838  -12.754 3.598  1.00 115.80 ? 50  ASN A O   1 
ATOM   384 C  CB  . ASN A 1 50 ? -7.990  -9.785  3.463  1.00 101.20 ? 50  ASN A CB  1 
ATOM   385 C  CG  . ASN A 1 50 ? -8.899  -8.855  4.246  1.00 119.45 ? 50  ASN A CG  1 
ATOM   386 O  OD1 . ASN A 1 50 ? -9.118  -9.041  5.444  1.00 114.26 ? 50  ASN A OD1 1 
ATOM   387 N  ND2 . ASN A 1 50 ? -9.442  -7.853  3.565  1.00 122.85 ? 50  ASN A ND2 1 
ATOM   388 N  N   . CYS A 1 51 ? -5.206  -11.378 2.896  1.00 113.85 ? 51  CYS A N   1 
ATOM   389 C  CA  . CYS A 1 51 ? -4.564  -12.397 2.069  1.00 113.73 ? 51  CYS A CA  1 
ATOM   390 C  C   . CYS A 1 51 ? -3.526  -13.205 2.843  1.00 117.32 ? 51  CYS A C   1 
ATOM   391 O  O   . CYS A 1 51 ? -2.974  -14.178 2.329  1.00 123.67 ? 51  CYS A O   1 
ATOM   392 C  CB  . CYS A 1 51 ? -3.919  -11.750 0.843  1.00 109.76 ? 51  CYS A CB  1 
ATOM   393 S  SG  . CYS A 1 51 ? -5.098  -11.068 -0.345 1.00 127.42 ? 51  CYS A SG  1 
ATOM   394 N  N   . ALA A 1 52 ? -3.263  -12.798 4.079  1.00 117.65 ? 52  ALA A N   1 
ATOM   395 C  CA  . ALA A 1 52 ? -2.320  -13.512 4.928  1.00 120.42 ? 52  ALA A CA  1 
ATOM   396 C  C   . ALA A 1 52 ? -2.935  -14.810 5.438  1.00 129.84 ? 52  ALA A C   1 
ATOM   397 O  O   . ALA A 1 52 ? -4.128  -15.056 5.263  1.00 123.18 ? 52  ALA A O   1 
ATOM   398 C  CB  . ALA A 1 52 ? -1.881  -12.634 6.091  1.00 117.27 ? 52  ALA A CB  1 
ATOM   399 O  OXT . ALA A 1 52 ? -2.255  -15.643 6.037  1.00 129.78 ? 52  ALA A OXT 1 
ATOM   400 N  N   . ALA B 2 1  ? 7.231   -5.439  -3.656 1.00 106.79 ? 1   ALA B N   1 
ATOM   401 C  CA  . ALA B 2 1  ? 6.132   -5.753  -4.562 1.00 105.39 ? 1   ALA B CA  1 
ATOM   402 C  C   . ALA B 2 1  ? 5.895   -4.617  -5.549 1.00 83.50  ? 1   ALA B C   1 
ATOM   403 O  O   . ALA B 2 1  ? 6.759   -3.763  -5.744 1.00 91.20  ? 1   ALA B O   1 
ATOM   404 C  CB  . ALA B 2 1  ? 4.871   -6.037  -3.781 1.00 101.08 ? 1   ALA B CB  1 
ATOM   405 N  N   . ARG B 2 2  ? 4.721   -4.615  -6.172 1.00 86.88  ? 2   ARG B N   1 
ATOM   406 C  CA  . ARG B 2 2  ? 4.337   -3.550  -7.090 1.00 90.07  ? 2   ARG B CA  1 
ATOM   407 C  C   . ARG B 2 2  ? 4.018   -2.272  -6.324 1.00 80.63  ? 2   ARG B C   1 
ATOM   408 O  O   . ARG B 2 2  ? 3.126   -2.251  -5.476 1.00 76.20  ? 2   ARG B O   1 
ATOM   409 C  CB  . ARG B 2 2  ? 3.130   -3.973  -7.926 1.00 90.42  ? 2   ARG B CB  1 
ATOM   410 C  CG  . ARG B 2 2  ? 3.435   -5.001  -9.002 1.00 93.68  ? 2   ARG B CG  1 
ATOM   411 C  CD  . ARG B 2 2  ? 2.163   -5.691  -9.467 1.00 94.89  ? 2   ARG B CD  1 
ATOM   412 N  NE  . ARG B 2 2  ? 1.639   -6.594  -8.446 1.00 97.41  ? 2   ARG B NE  1 
ATOM   413 C  CZ  . ARG B 2 2  ? 0.463   -7.206  -8.522 1.00 101.01 ? 2   ARG B CZ  1 
ATOM   414 N  NH1 . ARG B 2 2  ? -0.321  -7.008  -9.569 1.00 109.84 ? 2   ARG B NH1 1 
ATOM   415 N  NH2 . ARG B 2 2  ? 0.069   -8.012  -7.548 1.00 100.75 ? 2   ARG B NH2 1 
ATOM   416 N  N   . THR B 2 3  ? 4.752   -1.205  -6.620 1.00 72.90  ? 3   THR B N   1 
ATOM   417 C  CA  . THR B 2 3  ? 4.519   0.074   -5.961 1.00 70.56  ? 3   THR B CA  1 
ATOM   418 C  C   . THR B 2 3  ? 4.027   1.125   -6.949 1.00 75.08  ? 3   THR B C   1 
ATOM   419 O  O   . THR B 2 3  ? 4.020   0.894   -8.162 1.00 74.41  ? 3   THR B O   1 
ATOM   420 C  CB  . THR B 2 3  ? 5.788   0.593   -5.264 1.00 66.67  ? 3   THR B CB  1 
ATOM   421 O  OG1 . THR B 2 3  ? 6.727   1.046   -6.247 1.00 74.59  ? 3   THR B OG1 1 
ATOM   422 C  CG2 . THR B 2 3  ? 6.426   -0.500  -4.430 1.00 77.17  ? 3   THR B CG2 1 
HETATM 423 N  N   . 4WQ B 2 4  ? 3.607   2.272   -6.424 1.00 75.61  ? 4   4WQ B N   1 
HETATM 424 C  CA  . 4WQ B 2 4  ? 3.069   3.305   -7.236 1.00 60.07  ? 4   4WQ B CA  1 
HETATM 425 C  CB  . 4WQ B 2 4  ? 1.617   2.980   -7.494 1.00 60.19  ? 4   4WQ B CB  1 
HETATM 426 C  CG  . 4WQ B 2 4  ? 0.909   4.020   -8.339 1.00 59.80  ? 4   4WQ B CG  1 
HETATM 427 C  CD  . 4WQ B 2 4  ? -0.481  3.568   -8.744 1.00 67.56  ? 4   4WQ B CD  1 
HETATM 428 C  CE  . 4WQ B 2 4  ? -1.435  3.537   -7.568 1.00 58.49  ? 4   4WQ B CE  1 
HETATM 429 C  CZ  . 4WQ B 2 4  ? -2.875  3.363   -8.000 1.00 63.99  ? 4   4WQ B CZ  1 
HETATM 430 C  CM3 . 4WQ B 2 4  ? -3.312  4.555   -8.821 1.00 61.94  ? 4   4WQ B CM3 1 
HETATM 431 C  CM2 . 4WQ B 2 4  ? -3.013  2.104   -8.827 1.00 66.29  ? 4   4WQ B CM2 1 
HETATM 432 C  CM1 . 4WQ B 2 4  ? -3.748  3.257   -6.771 1.00 59.19  ? 4   4WQ B CM1 1 
HETATM 433 C  C   . 4WQ B 2 4  ? 3.154   4.614   -6.485 1.00 75.61  ? 4   4WQ B C   1 
HETATM 434 O  O   . 4WQ B 2 4  ? 3.030   4.632   -5.274 1.00 70.50  ? 4   4WQ B O   1 
ATOM   435 N  N   . GLN B 2 5  ? 3.379   5.708   -7.208 1.00 72.42  ? 5   GLN B N   1 
ATOM   436 C  CA  . GLN B 2 5  ? 3.379   7.033   -6.594 1.00 66.97  ? 5   GLN B CA  1 
ATOM   437 C  C   . GLN B 2 5  ? 2.386   7.954   -7.298 1.00 74.16  ? 5   GLN B C   1 
ATOM   438 O  O   . GLN B 2 5  ? 2.468   8.166   -8.510 1.00 78.51  ? 5   GLN B O   1 
ATOM   439 C  CB  . GLN B 2 5  ? 4.777   7.657   -6.619 1.00 78.28  ? 5   GLN B CB  1 
ATOM   440 C  CG  . GLN B 2 5  ? 4.869   8.944   -5.806 1.00 76.08  ? 5   GLN B CG  1 
ATOM   441 C  CD  . GLN B 2 5  ? 6.265   9.531   -5.772 1.00 81.52  ? 5   GLN B CD  1 
ATOM   442 O  OE1 . GLN B 2 5  ? 6.578   10.456  -6.520 1.00 107.28 ? 5   GLN B OE1 1 
ATOM   443 N  NE2 . GLN B 2 5  ? 7.109   9.003   -4.896 1.00 90.57  ? 5   GLN B NE2 1 
ATOM   444 N  N   . THR B 2 6  ? 1.449   8.501   -6.531 1.00 84.99  ? 6   THR B N   1 
ATOM   445 C  CA  . THR B 2 6  ? 0.420   9.363   -7.092 1.00 72.67  ? 6   THR B CA  1 
ATOM   446 C  C   . THR B 2 6  ? 0.654   10.822  -6.727 1.00 73.60  ? 6   THR B C   1 
ATOM   447 O  O   . THR B 2 6  ? 0.822   11.163  -5.559 1.00 88.19  ? 6   THR B O   1 
ATOM   448 C  CB  . THR B 2 6  ? -0.979  8.934   -6.618 1.00 77.16  ? 6   THR B CB  1 
ATOM   449 O  OG1 . THR B 2 6  ? -1.420  7.815   -7.395 1.00 79.88  ? 6   THR B OG1 1 
ATOM   450 C  CG2 . THR B 2 6  ? -1.979  10.058  -6.776 1.00 98.36  ? 6   THR B CG2 1 
ATOM   451 N  N   . ALA B 2 7  ? 0.666   11.681  -7.741 1.00 72.21  ? 7   ALA B N   1 
ATOM   452 C  CA  . ALA B 2 7  ? 0.834   13.116  -7.543 1.00 79.99  ? 7   ALA B CA  1 
ATOM   453 C  C   . ALA B 2 7  ? -0.350  13.880  -8.126 1.00 71.30  ? 7   ALA B C   1 
ATOM   454 O  O   . ALA B 2 7  ? -1.468  13.784  -7.623 1.00 96.60  ? 7   ALA B O   1 
ATOM   455 C  CB  . ALA B 2 7  ? 2.133   13.593  -8.169 1.00 77.86  ? 7   ALA B CB  1 
HETATM 456 ZN ZN  . ZN  C 3 .  ? -5.144  4.625   2.889  1.00 75.11  ? 101 ZN  A ZN  1 
HETATM 457 ZN ZN  . ZN  D 3 .  ? -4.639  -8.725  -0.389 1.00 98.67  ? 102 ZN  A ZN  1 
# 
loop_
_pdbx_poly_seq_scheme.asym_id 
_pdbx_poly_seq_scheme.entity_id 
_pdbx_poly_seq_scheme.seq_id 
_pdbx_poly_seq_scheme.mon_id 
_pdbx_poly_seq_scheme.ndb_seq_num 
_pdbx_poly_seq_scheme.pdb_seq_num 
_pdbx_poly_seq_scheme.auth_seq_num 
_pdbx_poly_seq_scheme.pdb_mon_id 
_pdbx_poly_seq_scheme.auth_mon_id 
_pdbx_poly_seq_scheme.pdb_strand_id 
_pdbx_poly_seq_scheme.pdb_ins_code 
_pdbx_poly_seq_scheme.hetero 
A 1 1  SER 1  1  1  SER SER A . n 
A 1 2  VAL 2  2  2  VAL VAL A . n 
A 1 3  CYS 3  3  3  CYS CYS A . n 
A 1 4  ALA 4  4  4  ALA ALA A . n 
A 1 5  ALA 5  5  5  ALA ALA A . n 
A 1 6  GLN 6  6  6  GLN GLN A . n 
A 1 7  ASN 7  7  7  ASN ASN A . n 
A 1 8  CYS 8  8  8  CYS CYS A . n 
A 1 9  GLN 9  9  9  GLN GLN A . n 
A 1 10 ARG 10 10 10 ARG ARG A . n 
A 1 11 PRO 11 11 11 PRO PRO A . n 
A 1 12 CYS 12 12 12 CYS CYS A . n 
A 1 13 LYS 13 13 13 LYS LYS A . n 
A 1 14 ASP 14 14 14 ASP ASP A . n 
A 1 15 LYS 15 15 15 LYS LYS A . n 
A 1 16 VAL 16 16 16 VAL VAL A . n 
A 1 17 ASP 17 17 17 ASP ASP A . n 
A 1 18 TRP 18 18 18 TRP TRP A . n 
A 1 19 VAL 19 19 19 VAL VAL A . n 
A 1 20 GLN 20 20 20 GLN GLN A . n 
A 1 21 CYS 21 21 21 CYS CYS A . n 
A 1 22 ASP 22 22 22 ASP ASP A . n 
A 1 23 GLY 23 23 23 GLY GLY A . n 
A 1 24 GLY 24 24 24 GLY GLY A . n 
A 1 25 CYS 25 25 25 CYS CYS A . n 
A 1 26 ASP 26 26 26 ASP ASP A . n 
A 1 27 GLU 27 27 27 GLU GLU A . n 
A 1 28 TRP 28 28 28 TRP TRP A . n 
A 1 29 PHE 29 29 29 PHE PHE A . n 
A 1 30 HIS 30 30 30 HIS HIS A . n 
A 1 31 GLN 31 31 31 GLN GLN A . n 
A 1 32 VAL 32 32 32 VAL VAL A . n 
A 1 33 CYS 33 33 33 CYS CYS A . n 
A 1 34 VAL 34 34 34 VAL VAL A . n 
A 1 35 GLY 35 35 35 GLY GLY A . n 
A 1 36 VAL 36 36 36 VAL VAL A . n 
A 1 37 SER 37 37 37 SER SER A . n 
A 1 38 PRO 38 38 38 PRO PRO A . n 
A 1 39 GLU 39 39 39 GLU GLU A . n 
A 1 40 MET 40 40 40 MET MET A . n 
A 1 41 ALA 41 41 41 ALA ALA A . n 
A 1 42 GLU 42 42 42 GLU GLU A . n 
A 1 43 ASN 43 43 43 ASN ASN A . n 
A 1 44 GLU 44 44 44 GLU GLU A . n 
A 1 45 ASP 45 45 45 ASP ASP A . n 
A 1 46 TYR 46 46 46 TYR TYR A . n 
A 1 47 ILE 47 47 47 ILE ILE A . n 
A 1 48 CYS 48 48 48 CYS CYS A . n 
A 1 49 ILE 49 49 49 ILE ILE A . n 
A 1 50 ASN 50 50 50 ASN ASN A . n 
A 1 51 CYS 51 51 51 CYS CYS A . n 
A 1 52 ALA 52 52 52 ALA ALA A . n 
B 2 1  ALA 1  1  1  ALA ALA B . n 
B 2 2  ARG 2  2  2  ARG ARG B . n 
B 2 3  THR 3  3  3  THR THR B . n 
B 2 4  4WQ 4  4  4  4WQ MCC B . n 
B 2 5  GLN 5  5  5  GLN GLN B . n 
B 2 6  THR 6  6  6  THR THR B . n 
B 2 7  ALA 7  7  7  ALA ALA B . n 
B 2 8  ARG 8  8  ?  ?   ?   B . n 
B 2 9  LYS 9  9  ?  ?   ?   B . n 
B 2 10 SER 10 10 ?  ?   ?   B . n 
# 
loop_
_pdbx_nonpoly_scheme.asym_id 
_pdbx_nonpoly_scheme.entity_id 
_pdbx_nonpoly_scheme.mon_id 
_pdbx_nonpoly_scheme.ndb_seq_num 
_pdbx_nonpoly_scheme.pdb_seq_num 
_pdbx_nonpoly_scheme.auth_seq_num 
_pdbx_nonpoly_scheme.pdb_mon_id 
_pdbx_nonpoly_scheme.auth_mon_id 
_pdbx_nonpoly_scheme.pdb_strand_id 
_pdbx_nonpoly_scheme.pdb_ins_code 
C 3 ZN 1 101 1 ZN ZN A . 
D 3 ZN 1 102 2 ZN ZN A . 
# 
_pdbx_struct_assembly.id                   1 
_pdbx_struct_assembly.details              author_and_software_defined_assembly 
_pdbx_struct_assembly.method_details       PISA 
_pdbx_struct_assembly.oligomeric_details   dimeric 
_pdbx_struct_assembly.oligomeric_count     2 
# 
_pdbx_struct_assembly_gen.assembly_id       1 
_pdbx_struct_assembly_gen.oper_expression   1 
_pdbx_struct_assembly_gen.asym_id_list      A,B,C,D 
# 
loop_
_pdbx_struct_assembly_prop.biol_id 
_pdbx_struct_assembly_prop.type 
_pdbx_struct_assembly_prop.value 
_pdbx_struct_assembly_prop.details 
1 'ABSA (A^2)' 1070 ? 
1 MORE         -1   ? 
1 'SSA (A^2)'  3970 ? 
# 
_pdbx_struct_oper_list.id                   1 
_pdbx_struct_oper_list.type                 'identity operation' 
_pdbx_struct_oper_list.name                 1_555 
_pdbx_struct_oper_list.symmetry_operation   x,y,z 
_pdbx_struct_oper_list.matrix[1][1]         1.0000000000 
_pdbx_struct_oper_list.matrix[1][2]         0.0000000000 
_pdbx_struct_oper_list.matrix[1][3]         0.0000000000 
_pdbx_struct_oper_list.vector[1]            0.0000000000 
_pdbx_struct_oper_list.matrix[2][1]         0.0000000000 
_pdbx_struct_oper_list.matrix[2][2]         1.0000000000 
_pdbx_struct_oper_list.matrix[2][3]         0.0000000000 
_pdbx_struct_oper_list.vector[2]            0.0000000000 
_pdbx_struct_oper_list.matrix[3][1]         0.0000000000 
_pdbx_struct_oper_list.matrix[3][2]         0.0000000000 
_pdbx_struct_oper_list.matrix[3][3]         1.0000000000 
_pdbx_struct_oper_list.vector[3]            0.0000000000 
# 
loop_
_pdbx_struct_conn_angle.id 
_pdbx_struct_conn_angle.ptnr1_label_atom_id 
_pdbx_struct_conn_angle.ptnr1_label_alt_id 
_pdbx_struct_conn_angle.ptnr1_label_asym_id 
_pdbx_struct_conn_angle.ptnr1_label_comp_id 
_pdbx_struct_conn_angle.ptnr1_label_seq_id 
_pdbx_struct_conn_angle.ptnr1_auth_atom_id 
_pdbx_struct_conn_angle.ptnr1_auth_asym_id 
_pdbx_struct_conn_angle.ptnr1_auth_comp_id 
_pdbx_struct_conn_angle.ptnr1_auth_seq_id 
_pdbx_struct_conn_angle.ptnr1_PDB_ins_code 
_pdbx_struct_conn_angle.ptnr1_symmetry 
_pdbx_struct_conn_angle.ptnr2_label_atom_id 
_pdbx_struct_conn_angle.ptnr2_label_alt_id 
_pdbx_struct_conn_angle.ptnr2_label_asym_id 
_pdbx_struct_conn_angle.ptnr2_label_comp_id 
_pdbx_struct_conn_angle.ptnr2_label_seq_id 
_pdbx_struct_conn_angle.ptnr2_auth_atom_id 
_pdbx_struct_conn_angle.ptnr2_auth_asym_id 
_pdbx_struct_conn_angle.ptnr2_auth_comp_id 
_pdbx_struct_conn_angle.ptnr2_auth_seq_id 
_pdbx_struct_conn_angle.ptnr2_PDB_ins_code 
_pdbx_struct_conn_angle.ptnr2_symmetry 
_pdbx_struct_conn_angle.ptnr3_label_atom_id 
_pdbx_struct_conn_angle.ptnr3_label_alt_id 
_pdbx_struct_conn_angle.ptnr3_label_asym_id 
_pdbx_struct_conn_angle.ptnr3_label_comp_id 
_pdbx_struct_conn_angle.ptnr3_label_seq_id 
_pdbx_struct_conn_angle.ptnr3_auth_atom_id 
_pdbx_struct_conn_angle.ptnr3_auth_asym_id 
_pdbx_struct_conn_angle.ptnr3_auth_comp_id 
_pdbx_struct_conn_angle.ptnr3_auth_seq_id 
_pdbx_struct_conn_angle.ptnr3_PDB_ins_code 
_pdbx_struct_conn_angle.ptnr3_symmetry 
_pdbx_struct_conn_angle.value 
_pdbx_struct_conn_angle.value_esd 
1  SG  ? A CYS 3  ? A CYS 3  ? 1_555 ZN ? C ZN . ? A ZN 101 ? 1_555 SG  ? A CYS 8  ? A CYS 8  ? 1_555 109.2 ? 
2  SG  ? A CYS 3  ? A CYS 3  ? 1_555 ZN ? C ZN . ? A ZN 101 ? 1_555 ND1 ? A HIS 30 ? A HIS 30 ? 1_555 106.2 ? 
3  SG  ? A CYS 8  ? A CYS 8  ? 1_555 ZN ? C ZN . ? A ZN 101 ? 1_555 ND1 ? A HIS 30 ? A HIS 30 ? 1_555 102.7 ? 
4  SG  ? A CYS 3  ? A CYS 3  ? 1_555 ZN ? C ZN . ? A ZN 101 ? 1_555 SG  ? A CYS 33 ? A CYS 33 ? 1_555 111.3 ? 
5  SG  ? A CYS 8  ? A CYS 8  ? 1_555 ZN ? C ZN . ? A ZN 101 ? 1_555 SG  ? A CYS 33 ? A CYS 33 ? 1_555 119.5 ? 
6  ND1 ? A HIS 30 ? A HIS 30 ? 1_555 ZN ? C ZN . ? A ZN 101 ? 1_555 SG  ? A CYS 33 ? A CYS 33 ? 1_555 106.7 ? 
7  SG  ? A CYS 21 ? A CYS 21 ? 1_555 ZN ? D ZN . ? A ZN 102 ? 1_555 SG  ? A CYS 25 ? A CYS 25 ? 1_555 124.0 ? 
8  SG  ? A CYS 21 ? A CYS 21 ? 1_555 ZN ? D ZN . ? A ZN 102 ? 1_555 SG  ? A CYS 48 ? A CYS 48 ? 1_555 101.6 ? 
9  SG  ? A CYS 25 ? A CYS 25 ? 1_555 ZN ? D ZN . ? A ZN 102 ? 1_555 SG  ? A CYS 48 ? A CYS 48 ? 1_555 121.0 ? 
10 SG  ? A CYS 21 ? A CYS 21 ? 1_555 ZN ? D ZN . ? A ZN 102 ? 1_555 SG  ? A CYS 51 ? A CYS 51 ? 1_555 97.6  ? 
11 SG  ? A CYS 25 ? A CYS 25 ? 1_555 ZN ? D ZN . ? A ZN 102 ? 1_555 SG  ? A CYS 51 ? A CYS 51 ? 1_555 109.6 ? 
12 SG  ? A CYS 48 ? A CYS 48 ? 1_555 ZN ? D ZN . ? A ZN 102 ? 1_555 SG  ? A CYS 51 ? A CYS 51 ? 1_555 97.7  ? 
# 
loop_
_pdbx_audit_revision_history.ordinal 
_pdbx_audit_revision_history.data_content_type 
_pdbx_audit_revision_history.major_revision 
_pdbx_audit_revision_history.minor_revision 
_pdbx_audit_revision_history.revision_date 
1 'Structure model' 1 0 2015-11-25 
2 'Structure model' 1 1 2017-09-27 
3 'Structure model' 1 2 2023-11-08 
4 'Structure model' 1 3 2023-11-15 
# 
_pdbx_audit_revision_details.ordinal             1 
_pdbx_audit_revision_details.revision_ordinal    1 
_pdbx_audit_revision_details.data_content_type   'Structure model' 
_pdbx_audit_revision_details.provider            repository 
_pdbx_audit_revision_details.type                'Initial release' 
_pdbx_audit_revision_details.description         ? 
_pdbx_audit_revision_details.details             ? 
# 
loop_
_pdbx_audit_revision_group.ordinal 
_pdbx_audit_revision_group.revision_ordinal 
_pdbx_audit_revision_group.data_content_type 
_pdbx_audit_revision_group.group 
1 2 'Structure model' 'Data collection'        
2 2 'Structure model' 'Derived calculations'   
3 3 'Structure model' 'Data collection'        
4 3 'Structure model' 'Database references'    
5 3 'Structure model' 'Derived calculations'   
6 3 'Structure model' 'Refinement description' 
7 4 'Structure model' 'Data collection'        
# 
loop_
_pdbx_audit_revision_category.ordinal 
_pdbx_audit_revision_category.revision_ordinal 
_pdbx_audit_revision_category.data_content_type 
_pdbx_audit_revision_category.category 
1  2 'Structure model' diffrn_detector               
2  2 'Structure model' pdbx_struct_oper_list         
3  3 'Structure model' chem_comp_atom                
4  3 'Structure model' chem_comp_bond                
5  3 'Structure model' database_2                    
6  3 'Structure model' diffrn_radiation_wavelength   
7  3 'Structure model' pdbx_initial_refinement_model 
8  3 'Structure model' struct_conn                   
9  3 'Structure model' struct_conn_type              
10 4 'Structure model' chem_comp_atom                
11 4 'Structure model' chem_comp_bond                
# 
loop_
_pdbx_audit_revision_item.ordinal 
_pdbx_audit_revision_item.revision_ordinal 
_pdbx_audit_revision_item.data_content_type 
_pdbx_audit_revision_item.item 
1  2 'Structure model' '_diffrn_detector.detector'                 
2  2 'Structure model' '_pdbx_struct_oper_list.symmetry_operation' 
3  3 'Structure model' '_database_2.pdbx_DOI'                      
4  3 'Structure model' '_database_2.pdbx_database_accession'       
5  3 'Structure model' '_struct_conn.conn_type_id'                 
6  3 'Structure model' '_struct_conn.id'                           
7  3 'Structure model' '_struct_conn.pdbx_dist_value'              
8  3 'Structure model' '_struct_conn.pdbx_leaving_atom_flag'       
9  3 'Structure model' '_struct_conn.ptnr1_auth_asym_id'           
10 3 'Structure model' '_struct_conn.ptnr1_auth_comp_id'           
11 3 'Structure model' '_struct_conn.ptnr1_auth_seq_id'            
12 3 'Structure model' '_struct_conn.ptnr1_label_asym_id'          
13 3 'Structure model' '_struct_conn.ptnr1_label_atom_id'          
14 3 'Structure model' '_struct_conn.ptnr1_label_comp_id'          
15 3 'Structure model' '_struct_conn.ptnr1_label_seq_id'           
16 3 'Structure model' '_struct_conn.ptnr2_auth_asym_id'           
17 3 'Structure model' '_struct_conn.ptnr2_auth_comp_id'           
18 3 'Structure model' '_struct_conn.ptnr2_auth_seq_id'            
19 3 'Structure model' '_struct_conn.ptnr2_label_asym_id'          
20 3 'Structure model' '_struct_conn.ptnr2_label_atom_id'          
21 3 'Structure model' '_struct_conn.ptnr2_label_comp_id'          
22 3 'Structure model' '_struct_conn.ptnr2_label_seq_id'           
23 3 'Structure model' '_struct_conn_type.id'                      
24 4 'Structure model' '_chem_comp_atom.atom_id'                   
25 4 'Structure model' '_chem_comp_bond.atom_id_2'                 
# 
loop_
_software.citation_id 
_software.classification 
_software.compiler_name 
_software.compiler_version 
_software.contact_author 
_software.contact_author_email 
_software.date 
_software.description 
_software.dependencies 
_software.hardware 
_software.language 
_software.location 
_software.mods 
_software.name 
_software.os 
_software.os_version 
_software.type 
_software.version 
_software.pdbx_ordinal 
? 'data collection' ? ? ? ? ? ? ? ? ? ? ? HKL-2000    ? ? ? .                           1 
? 'data scaling'    ? ? ? ? ? ? ? ? ? ? ? HKL-2000    ? ? ? .                           2 
? phasing           ? ? ? ? ? ? ? ? ? ? ? MOLREP      ? ? ? 11.2.05                     3 
? refinement        ? ? ? ? ? ? ? ? ? ? ? PHENIX      ? ? ? '(phenix.refine: 1.9_1692)' 4 
? 'data extraction' ? ? ? ? ? ? ? ? ? ? ? PDB_EXTRACT ? ? ? 3.15                        5 
# 
_pdbx_entry_details.compound_details         ? 
_pdbx_entry_details.entry_id                 5C11 
_pdbx_entry_details.nonpolymer_details       ? 
_pdbx_entry_details.sequence_details         
;THE SEQUENCE OF THE ENTITY2 OF THIS PROTEIN WAS NOT AVAILABLE AT THE UNIPROT KNOWLEDGEBASE DATABASE (UNIPROTKB) AT THE TIME OF DEPOSITION.
;
_pdbx_entry_details.source_details           ? 
_pdbx_entry_details.has_ligand_of_interest   ? 
# 
loop_
_pdbx_validate_torsion.id 
_pdbx_validate_torsion.PDB_model_num 
_pdbx_validate_torsion.auth_comp_id 
_pdbx_validate_torsion.auth_asym_id 
_pdbx_validate_torsion.auth_seq_id 
_pdbx_validate_torsion.PDB_ins_code 
_pdbx_validate_torsion.label_alt_id 
_pdbx_validate_torsion.phi 
_pdbx_validate_torsion.psi 
1 1 ASN A 7  ? ? -108.08 70.91  
2 1 ARG A 10 ? ? 32.32   68.04  
3 1 LYS A 15 ? ? 70.85   106.76 
# 
loop_
_pdbx_unobs_or_zero_occ_residues.id 
_pdbx_unobs_or_zero_occ_residues.PDB_model_num 
_pdbx_unobs_or_zero_occ_residues.polymer_flag 
_pdbx_unobs_or_zero_occ_residues.occupancy_flag 
_pdbx_unobs_or_zero_occ_residues.auth_asym_id 
_pdbx_unobs_or_zero_occ_residues.auth_comp_id 
_pdbx_unobs_or_zero_occ_residues.auth_seq_id 
_pdbx_unobs_or_zero_occ_residues.PDB_ins_code 
_pdbx_unobs_or_zero_occ_residues.label_asym_id 
_pdbx_unobs_or_zero_occ_residues.label_comp_id 
_pdbx_unobs_or_zero_occ_residues.label_seq_id 
1 1 Y 1 B ARG 8  ? B ARG 8  
2 1 Y 1 B LYS 9  ? B LYS 9  
3 1 Y 1 B SER 10 ? B SER 10 
# 
loop_
_chem_comp_atom.comp_id 
_chem_comp_atom.atom_id 
_chem_comp_atom.type_symbol 
_chem_comp_atom.pdbx_aromatic_flag 
_chem_comp_atom.pdbx_stereo_config 
_chem_comp_atom.pdbx_ordinal 
4WQ N    N  N N 1   
4WQ CA   C  N S 2   
4WQ CB   C  N N 3   
4WQ CG   C  N N 4   
4WQ CD   C  N N 5   
4WQ CE   C  N N 6   
4WQ CZ   C  N N 7   
4WQ CM3  C  N N 8   
4WQ CM2  C  N N 9   
4WQ CM1  C  N N 10  
4WQ C    C  N N 11  
4WQ O    O  N N 12  
4WQ H    H  N N 13  
4WQ H2   H  N N 14  
4WQ HA   H  N N 15  
4WQ H5   H  N N 16  
4WQ H6   H  N N 17  
4WQ H7   H  N N 18  
4WQ H8   H  N N 19  
4WQ H9   H  N N 20  
4WQ H10  H  N N 21  
4WQ H11  H  N N 22  
4WQ H12  H  N N 23  
4WQ H13  H  N N 24  
4WQ H14  H  N N 25  
4WQ H15  H  N N 26  
4WQ H16  H  N N 27  
4WQ H17  H  N N 28  
4WQ H18  H  N N 29  
4WQ H19  H  N N 30  
4WQ H20  H  N N 31  
4WQ H21  H  N N 32  
4WQ OXT  O  N N 33  
4WQ HXT  H  N N 34  
ALA N    N  N N 35  
ALA CA   C  N S 36  
ALA C    C  N N 37  
ALA O    O  N N 38  
ALA CB   C  N N 39  
ALA OXT  O  N N 40  
ALA H    H  N N 41  
ALA H2   H  N N 42  
ALA HA   H  N N 43  
ALA HB1  H  N N 44  
ALA HB2  H  N N 45  
ALA HB3  H  N N 46  
ALA HXT  H  N N 47  
ARG N    N  N N 48  
ARG CA   C  N S 49  
ARG C    C  N N 50  
ARG O    O  N N 51  
ARG CB   C  N N 52  
ARG CG   C  N N 53  
ARG CD   C  N N 54  
ARG NE   N  N N 55  
ARG CZ   C  N N 56  
ARG NH1  N  N N 57  
ARG NH2  N  N N 58  
ARG OXT  O  N N 59  
ARG H    H  N N 60  
ARG H2   H  N N 61  
ARG HA   H  N N 62  
ARG HB2  H  N N 63  
ARG HB3  H  N N 64  
ARG HG2  H  N N 65  
ARG HG3  H  N N 66  
ARG HD2  H  N N 67  
ARG HD3  H  N N 68  
ARG HE   H  N N 69  
ARG HH11 H  N N 70  
ARG HH12 H  N N 71  
ARG HH21 H  N N 72  
ARG HH22 H  N N 73  
ARG HXT  H  N N 74  
ASN N    N  N N 75  
ASN CA   C  N S 76  
ASN C    C  N N 77  
ASN O    O  N N 78  
ASN CB   C  N N 79  
ASN CG   C  N N 80  
ASN OD1  O  N N 81  
ASN ND2  N  N N 82  
ASN OXT  O  N N 83  
ASN H    H  N N 84  
ASN H2   H  N N 85  
ASN HA   H  N N 86  
ASN HB2  H  N N 87  
ASN HB3  H  N N 88  
ASN HD21 H  N N 89  
ASN HD22 H  N N 90  
ASN HXT  H  N N 91  
ASP N    N  N N 92  
ASP CA   C  N S 93  
ASP C    C  N N 94  
ASP O    O  N N 95  
ASP CB   C  N N 96  
ASP CG   C  N N 97  
ASP OD1  O  N N 98  
ASP OD2  O  N N 99  
ASP OXT  O  N N 100 
ASP H    H  N N 101 
ASP H2   H  N N 102 
ASP HA   H  N N 103 
ASP HB2  H  N N 104 
ASP HB3  H  N N 105 
ASP HD2  H  N N 106 
ASP HXT  H  N N 107 
CYS N    N  N N 108 
CYS CA   C  N R 109 
CYS C    C  N N 110 
CYS O    O  N N 111 
CYS CB   C  N N 112 
CYS SG   S  N N 113 
CYS OXT  O  N N 114 
CYS H    H  N N 115 
CYS H2   H  N N 116 
CYS HA   H  N N 117 
CYS HB2  H  N N 118 
CYS HB3  H  N N 119 
CYS HG   H  N N 120 
CYS HXT  H  N N 121 
GLN N    N  N N 122 
GLN CA   C  N S 123 
GLN C    C  N N 124 
GLN O    O  N N 125 
GLN CB   C  N N 126 
GLN CG   C  N N 127 
GLN CD   C  N N 128 
GLN OE1  O  N N 129 
GLN NE2  N  N N 130 
GLN OXT  O  N N 131 
GLN H    H  N N 132 
GLN H2   H  N N 133 
GLN HA   H  N N 134 
GLN HB2  H  N N 135 
GLN HB3  H  N N 136 
GLN HG2  H  N N 137 
GLN HG3  H  N N 138 
GLN HE21 H  N N 139 
GLN HE22 H  N N 140 
GLN HXT  H  N N 141 
GLU N    N  N N 142 
GLU CA   C  N S 143 
GLU C    C  N N 144 
GLU O    O  N N 145 
GLU CB   C  N N 146 
GLU CG   C  N N 147 
GLU CD   C  N N 148 
GLU OE1  O  N N 149 
GLU OE2  O  N N 150 
GLU OXT  O  N N 151 
GLU H    H  N N 152 
GLU H2   H  N N 153 
GLU HA   H  N N 154 
GLU HB2  H  N N 155 
GLU HB3  H  N N 156 
GLU HG2  H  N N 157 
GLU HG3  H  N N 158 
GLU HE2  H  N N 159 
GLU HXT  H  N N 160 
GLY N    N  N N 161 
GLY CA   C  N N 162 
GLY C    C  N N 163 
GLY O    O  N N 164 
GLY OXT  O  N N 165 
GLY H    H  N N 166 
GLY H2   H  N N 167 
GLY HA2  H  N N 168 
GLY HA3  H  N N 169 
GLY HXT  H  N N 170 
HIS N    N  N N 171 
HIS CA   C  N S 172 
HIS C    C  N N 173 
HIS O    O  N N 174 
HIS CB   C  N N 175 
HIS CG   C  Y N 176 
HIS ND1  N  Y N 177 
HIS CD2  C  Y N 178 
HIS CE1  C  Y N 179 
HIS NE2  N  Y N 180 
HIS OXT  O  N N 181 
HIS H    H  N N 182 
HIS H2   H  N N 183 
HIS HA   H  N N 184 
HIS HB2  H  N N 185 
HIS HB3  H  N N 186 
HIS HD1  H  N N 187 
HIS HD2  H  N N 188 
HIS HE1  H  N N 189 
HIS HE2  H  N N 190 
HIS HXT  H  N N 191 
ILE N    N  N N 192 
ILE CA   C  N S 193 
ILE C    C  N N 194 
ILE O    O  N N 195 
ILE CB   C  N S 196 
ILE CG1  C  N N 197 
ILE CG2  C  N N 198 
ILE CD1  C  N N 199 
ILE OXT  O  N N 200 
ILE H    H  N N 201 
ILE H2   H  N N 202 
ILE HA   H  N N 203 
ILE HB   H  N N 204 
ILE HG12 H  N N 205 
ILE HG13 H  N N 206 
ILE HG21 H  N N 207 
ILE HG22 H  N N 208 
ILE HG23 H  N N 209 
ILE HD11 H  N N 210 
ILE HD12 H  N N 211 
ILE HD13 H  N N 212 
ILE HXT  H  N N 213 
LYS N    N  N N 214 
LYS CA   C  N S 215 
LYS C    C  N N 216 
LYS O    O  N N 217 
LYS CB   C  N N 218 
LYS CG   C  N N 219 
LYS CD   C  N N 220 
LYS CE   C  N N 221 
LYS NZ   N  N N 222 
LYS OXT  O  N N 223 
LYS H    H  N N 224 
LYS H2   H  N N 225 
LYS HA   H  N N 226 
LYS HB2  H  N N 227 
LYS HB3  H  N N 228 
LYS HG2  H  N N 229 
LYS HG3  H  N N 230 
LYS HD2  H  N N 231 
LYS HD3  H  N N 232 
LYS HE2  H  N N 233 
LYS HE3  H  N N 234 
LYS HZ1  H  N N 235 
LYS HZ2  H  N N 236 
LYS HZ3  H  N N 237 
LYS HXT  H  N N 238 
MET N    N  N N 239 
MET CA   C  N S 240 
MET C    C  N N 241 
MET O    O  N N 242 
MET CB   C  N N 243 
MET CG   C  N N 244 
MET SD   S  N N 245 
MET CE   C  N N 246 
MET OXT  O  N N 247 
MET H    H  N N 248 
MET H2   H  N N 249 
MET HA   H  N N 250 
MET HB2  H  N N 251 
MET HB3  H  N N 252 
MET HG2  H  N N 253 
MET HG3  H  N N 254 
MET HE1  H  N N 255 
MET HE2  H  N N 256 
MET HE3  H  N N 257 
MET HXT  H  N N 258 
PHE N    N  N N 259 
PHE CA   C  N S 260 
PHE C    C  N N 261 
PHE O    O  N N 262 
PHE CB   C  N N 263 
PHE CG   C  Y N 264 
PHE CD1  C  Y N 265 
PHE CD2  C  Y N 266 
PHE CE1  C  Y N 267 
PHE CE2  C  Y N 268 
PHE CZ   C  Y N 269 
PHE OXT  O  N N 270 
PHE H    H  N N 271 
PHE H2   H  N N 272 
PHE HA   H  N N 273 
PHE HB2  H  N N 274 
PHE HB3  H  N N 275 
PHE HD1  H  N N 276 
PHE HD2  H  N N 277 
PHE HE1  H  N N 278 
PHE HE2  H  N N 279 
PHE HZ   H  N N 280 
PHE HXT  H  N N 281 
PRO N    N  N N 282 
PRO CA   C  N S 283 
PRO C    C  N N 284 
PRO O    O  N N 285 
PRO CB   C  N N 286 
PRO CG   C  N N 287 
PRO CD   C  N N 288 
PRO OXT  O  N N 289 
PRO H    H  N N 290 
PRO HA   H  N N 291 
PRO HB2  H  N N 292 
PRO HB3  H  N N 293 
PRO HG2  H  N N 294 
PRO HG3  H  N N 295 
PRO HD2  H  N N 296 
PRO HD3  H  N N 297 
PRO HXT  H  N N 298 
SER N    N  N N 299 
SER CA   C  N S 300 
SER C    C  N N 301 
SER O    O  N N 302 
SER CB   C  N N 303 
SER OG   O  N N 304 
SER OXT  O  N N 305 
SER H    H  N N 306 
SER H2   H  N N 307 
SER HA   H  N N 308 
SER HB2  H  N N 309 
SER HB3  H  N N 310 
SER HG   H  N N 311 
SER HXT  H  N N 312 
THR N    N  N N 313 
THR CA   C  N S 314 
THR C    C  N N 315 
THR O    O  N N 316 
THR CB   C  N R 317 
THR OG1  O  N N 318 
THR CG2  C  N N 319 
THR OXT  O  N N 320 
THR H    H  N N 321 
THR H2   H  N N 322 
THR HA   H  N N 323 
THR HB   H  N N 324 
THR HG1  H  N N 325 
THR HG21 H  N N 326 
THR HG22 H  N N 327 
THR HG23 H  N N 328 
THR HXT  H  N N 329 
TRP N    N  N N 330 
TRP CA   C  N S 331 
TRP C    C  N N 332 
TRP O    O  N N 333 
TRP CB   C  N N 334 
TRP CG   C  Y N 335 
TRP CD1  C  Y N 336 
TRP CD2  C  Y N 337 
TRP NE1  N  Y N 338 
TRP CE2  C  Y N 339 
TRP CE3  C  Y N 340 
TRP CZ2  C  Y N 341 
TRP CZ3  C  Y N 342 
TRP CH2  C  Y N 343 
TRP OXT  O  N N 344 
TRP H    H  N N 345 
TRP H2   H  N N 346 
TRP HA   H  N N 347 
TRP HB2  H  N N 348 
TRP HB3  H  N N 349 
TRP HD1  H  N N 350 
TRP HE1  H  N N 351 
TRP HE3  H  N N 352 
TRP HZ2  H  N N 353 
TRP HZ3  H  N N 354 
TRP HH2  H  N N 355 
TRP HXT  H  N N 356 
TYR N    N  N N 357 
TYR CA   C  N S 358 
TYR C    C  N N 359 
TYR O    O  N N 360 
TYR CB   C  N N 361 
TYR CG   C  Y N 362 
TYR CD1  C  Y N 363 
TYR CD2  C  Y N 364 
TYR CE1  C  Y N 365 
TYR CE2  C  Y N 366 
TYR CZ   C  Y N 367 
TYR OH   O  N N 368 
TYR OXT  O  N N 369 
TYR H    H  N N 370 
TYR H2   H  N N 371 
TYR HA   H  N N 372 
TYR HB2  H  N N 373 
TYR HB3  H  N N 374 
TYR HD1  H  N N 375 
TYR HD2  H  N N 376 
TYR HE1  H  N N 377 
TYR HE2  H  N N 378 
TYR HH   H  N N 379 
TYR HXT  H  N N 380 
VAL N    N  N N 381 
VAL CA   C  N S 382 
VAL C    C  N N 383 
VAL O    O  N N 384 
VAL CB   C  N N 385 
VAL CG1  C  N N 386 
VAL CG2  C  N N 387 
VAL OXT  O  N N 388 
VAL H    H  N N 389 
VAL H2   H  N N 390 
VAL HA   H  N N 391 
VAL HB   H  N N 392 
VAL HG11 H  N N 393 
VAL HG12 H  N N 394 
VAL HG13 H  N N 395 
VAL HG21 H  N N 396 
VAL HG22 H  N N 397 
VAL HG23 H  N N 398 
VAL HXT  H  N N 399 
ZN  ZN   ZN N N 400 
# 
loop_
_chem_comp_bond.comp_id 
_chem_comp_bond.atom_id_1 
_chem_comp_bond.atom_id_2 
_chem_comp_bond.value_order 
_chem_comp_bond.pdbx_aromatic_flag 
_chem_comp_bond.pdbx_stereo_config 
_chem_comp_bond.pdbx_ordinal 
4WQ CM3 CZ   sing N N 1   
4WQ CZ  CM1  sing N N 2   
4WQ CZ  CM2  sing N N 3   
4WQ CZ  CE   sing N N 4   
4WQ CD  CE   sing N N 5   
4WQ CD  CG   sing N N 6   
4WQ CG  CB   sing N N 7   
4WQ CB  CA   sing N N 8   
4WQ CA  N    sing N N 9   
4WQ CA  C    sing N N 10  
4WQ C   O    doub N N 11  
4WQ N   H    sing N N 12  
4WQ N   H2   sing N N 13  
4WQ CA  HA   sing N N 14  
4WQ CB  H5   sing N N 15  
4WQ CB  H6   sing N N 16  
4WQ CG  H7   sing N N 17  
4WQ CG  H8   sing N N 18  
4WQ CD  H9   sing N N 19  
4WQ CD  H10  sing N N 20  
4WQ CE  H11  sing N N 21  
4WQ CE  H12  sing N N 22  
4WQ CM3 H13  sing N N 23  
4WQ CM3 H14  sing N N 24  
4WQ CM3 H15  sing N N 25  
4WQ CM2 H16  sing N N 26  
4WQ CM2 H17  sing N N 27  
4WQ CM2 H18  sing N N 28  
4WQ CM1 H19  sing N N 29  
4WQ CM1 H20  sing N N 30  
4WQ CM1 H21  sing N N 31  
4WQ C   OXT  sing N N 32  
4WQ OXT HXT  sing N N 33  
ALA N   CA   sing N N 34  
ALA N   H    sing N N 35  
ALA N   H2   sing N N 36  
ALA CA  C    sing N N 37  
ALA CA  CB   sing N N 38  
ALA CA  HA   sing N N 39  
ALA C   O    doub N N 40  
ALA C   OXT  sing N N 41  
ALA CB  HB1  sing N N 42  
ALA CB  HB2  sing N N 43  
ALA CB  HB3  sing N N 44  
ALA OXT HXT  sing N N 45  
ARG N   CA   sing N N 46  
ARG N   H    sing N N 47  
ARG N   H2   sing N N 48  
ARG CA  C    sing N N 49  
ARG CA  CB   sing N N 50  
ARG CA  HA   sing N N 51  
ARG C   O    doub N N 52  
ARG C   OXT  sing N N 53  
ARG CB  CG   sing N N 54  
ARG CB  HB2  sing N N 55  
ARG CB  HB3  sing N N 56  
ARG CG  CD   sing N N 57  
ARG CG  HG2  sing N N 58  
ARG CG  HG3  sing N N 59  
ARG CD  NE   sing N N 60  
ARG CD  HD2  sing N N 61  
ARG CD  HD3  sing N N 62  
ARG NE  CZ   sing N N 63  
ARG NE  HE   sing N N 64  
ARG CZ  NH1  sing N N 65  
ARG CZ  NH2  doub N N 66  
ARG NH1 HH11 sing N N 67  
ARG NH1 HH12 sing N N 68  
ARG NH2 HH21 sing N N 69  
ARG NH2 HH22 sing N N 70  
ARG OXT HXT  sing N N 71  
ASN N   CA   sing N N 72  
ASN N   H    sing N N 73  
ASN N   H2   sing N N 74  
ASN CA  C    sing N N 75  
ASN CA  CB   sing N N 76  
ASN CA  HA   sing N N 77  
ASN C   O    doub N N 78  
ASN C   OXT  sing N N 79  
ASN CB  CG   sing N N 80  
ASN CB  HB2  sing N N 81  
ASN CB  HB3  sing N N 82  
ASN CG  OD1  doub N N 83  
ASN CG  ND2  sing N N 84  
ASN ND2 HD21 sing N N 85  
ASN ND2 HD22 sing N N 86  
ASN OXT HXT  sing N N 87  
ASP N   CA   sing N N 88  
ASP N   H    sing N N 89  
ASP N   H2   sing N N 90  
ASP CA  C    sing N N 91  
ASP CA  CB   sing N N 92  
ASP CA  HA   sing N N 93  
ASP C   O    doub N N 94  
ASP C   OXT  sing N N 95  
ASP CB  CG   sing N N 96  
ASP CB  HB2  sing N N 97  
ASP CB  HB3  sing N N 98  
ASP CG  OD1  doub N N 99  
ASP CG  OD2  sing N N 100 
ASP OD2 HD2  sing N N 101 
ASP OXT HXT  sing N N 102 
CYS N   CA   sing N N 103 
CYS N   H    sing N N 104 
CYS N   H2   sing N N 105 
CYS CA  C    sing N N 106 
CYS CA  CB   sing N N 107 
CYS CA  HA   sing N N 108 
CYS C   O    doub N N 109 
CYS C   OXT  sing N N 110 
CYS CB  SG   sing N N 111 
CYS CB  HB2  sing N N 112 
CYS CB  HB3  sing N N 113 
CYS SG  HG   sing N N 114 
CYS OXT HXT  sing N N 115 
GLN N   CA   sing N N 116 
GLN N   H    sing N N 117 
GLN N   H2   sing N N 118 
GLN CA  C    sing N N 119 
GLN CA  CB   sing N N 120 
GLN CA  HA   sing N N 121 
GLN C   O    doub N N 122 
GLN C   OXT  sing N N 123 
GLN CB  CG   sing N N 124 
GLN CB  HB2  sing N N 125 
GLN CB  HB3  sing N N 126 
GLN CG  CD   sing N N 127 
GLN CG  HG2  sing N N 128 
GLN CG  HG3  sing N N 129 
GLN CD  OE1  doub N N 130 
GLN CD  NE2  sing N N 131 
GLN NE2 HE21 sing N N 132 
GLN NE2 HE22 sing N N 133 
GLN OXT HXT  sing N N 134 
GLU N   CA   sing N N 135 
GLU N   H    sing N N 136 
GLU N   H2   sing N N 137 
GLU CA  C    sing N N 138 
GLU CA  CB   sing N N 139 
GLU CA  HA   sing N N 140 
GLU C   O    doub N N 141 
GLU C   OXT  sing N N 142 
GLU CB  CG   sing N N 143 
GLU CB  HB2  sing N N 144 
GLU CB  HB3  sing N N 145 
GLU CG  CD   sing N N 146 
GLU CG  HG2  sing N N 147 
GLU CG  HG3  sing N N 148 
GLU CD  OE1  doub N N 149 
GLU CD  OE2  sing N N 150 
GLU OE2 HE2  sing N N 151 
GLU OXT HXT  sing N N 152 
GLY N   CA   sing N N 153 
GLY N   H    sing N N 154 
GLY N   H2   sing N N 155 
GLY CA  C    sing N N 156 
GLY CA  HA2  sing N N 157 
GLY CA  HA3  sing N N 158 
GLY C   O    doub N N 159 
GLY C   OXT  sing N N 160 
GLY OXT HXT  sing N N 161 
HIS N   CA   sing N N 162 
HIS N   H    sing N N 163 
HIS N   H2   sing N N 164 
HIS CA  C    sing N N 165 
HIS CA  CB   sing N N 166 
HIS CA  HA   sing N N 167 
HIS C   O    doub N N 168 
HIS C   OXT  sing N N 169 
HIS CB  CG   sing N N 170 
HIS CB  HB2  sing N N 171 
HIS CB  HB3  sing N N 172 
HIS CG  ND1  sing Y N 173 
HIS CG  CD2  doub Y N 174 
HIS ND1 CE1  doub Y N 175 
HIS ND1 HD1  sing N N 176 
HIS CD2 NE2  sing Y N 177 
HIS CD2 HD2  sing N N 178 
HIS CE1 NE2  sing Y N 179 
HIS CE1 HE1  sing N N 180 
HIS NE2 HE2  sing N N 181 
HIS OXT HXT  sing N N 182 
ILE N   CA   sing N N 183 
ILE N   H    sing N N 184 
ILE N   H2   sing N N 185 
ILE CA  C    sing N N 186 
ILE CA  CB   sing N N 187 
ILE CA  HA   sing N N 188 
ILE C   O    doub N N 189 
ILE C   OXT  sing N N 190 
ILE CB  CG1  sing N N 191 
ILE CB  CG2  sing N N 192 
ILE CB  HB   sing N N 193 
ILE CG1 CD1  sing N N 194 
ILE CG1 HG12 sing N N 195 
ILE CG1 HG13 sing N N 196 
ILE CG2 HG21 sing N N 197 
ILE CG2 HG22 sing N N 198 
ILE CG2 HG23 sing N N 199 
ILE CD1 HD11 sing N N 200 
ILE CD1 HD12 sing N N 201 
ILE CD1 HD13 sing N N 202 
ILE OXT HXT  sing N N 203 
LYS N   CA   sing N N 204 
LYS N   H    sing N N 205 
LYS N   H2   sing N N 206 
LYS CA  C    sing N N 207 
LYS CA  CB   sing N N 208 
LYS CA  HA   sing N N 209 
LYS C   O    doub N N 210 
LYS C   OXT  sing N N 211 
LYS CB  CG   sing N N 212 
LYS CB  HB2  sing N N 213 
LYS CB  HB3  sing N N 214 
LYS CG  CD   sing N N 215 
LYS CG  HG2  sing N N 216 
LYS CG  HG3  sing N N 217 
LYS CD  CE   sing N N 218 
LYS CD  HD2  sing N N 219 
LYS CD  HD3  sing N N 220 
LYS CE  NZ   sing N N 221 
LYS CE  HE2  sing N N 222 
LYS CE  HE3  sing N N 223 
LYS NZ  HZ1  sing N N 224 
LYS NZ  HZ2  sing N N 225 
LYS NZ  HZ3  sing N N 226 
LYS OXT HXT  sing N N 227 
MET N   CA   sing N N 228 
MET N   H    sing N N 229 
MET N   H2   sing N N 230 
MET CA  C    sing N N 231 
MET CA  CB   sing N N 232 
MET CA  HA   sing N N 233 
MET C   O    doub N N 234 
MET C   OXT  sing N N 235 
MET CB  CG   sing N N 236 
MET CB  HB2  sing N N 237 
MET CB  HB3  sing N N 238 
MET CG  SD   sing N N 239 
MET CG  HG2  sing N N 240 
MET CG  HG3  sing N N 241 
MET SD  CE   sing N N 242 
MET CE  HE1  sing N N 243 
MET CE  HE2  sing N N 244 
MET CE  HE3  sing N N 245 
MET OXT HXT  sing N N 246 
PHE N   CA   sing N N 247 
PHE N   H    sing N N 248 
PHE N   H2   sing N N 249 
PHE CA  C    sing N N 250 
PHE CA  CB   sing N N 251 
PHE CA  HA   sing N N 252 
PHE C   O    doub N N 253 
PHE C   OXT  sing N N 254 
PHE CB  CG   sing N N 255 
PHE CB  HB2  sing N N 256 
PHE CB  HB3  sing N N 257 
PHE CG  CD1  doub Y N 258 
PHE CG  CD2  sing Y N 259 
PHE CD1 CE1  sing Y N 260 
PHE CD1 HD1  sing N N 261 
PHE CD2 CE2  doub Y N 262 
PHE CD2 HD2  sing N N 263 
PHE CE1 CZ   doub Y N 264 
PHE CE1 HE1  sing N N 265 
PHE CE2 CZ   sing Y N 266 
PHE CE2 HE2  sing N N 267 
PHE CZ  HZ   sing N N 268 
PHE OXT HXT  sing N N 269 
PRO N   CA   sing N N 270 
PRO N   CD   sing N N 271 
PRO N   H    sing N N 272 
PRO CA  C    sing N N 273 
PRO CA  CB   sing N N 274 
PRO CA  HA   sing N N 275 
PRO C   O    doub N N 276 
PRO C   OXT  sing N N 277 
PRO CB  CG   sing N N 278 
PRO CB  HB2  sing N N 279 
PRO CB  HB3  sing N N 280 
PRO CG  CD   sing N N 281 
PRO CG  HG2  sing N N 282 
PRO CG  HG3  sing N N 283 
PRO CD  HD2  sing N N 284 
PRO CD  HD3  sing N N 285 
PRO OXT HXT  sing N N 286 
SER N   CA   sing N N 287 
SER N   H    sing N N 288 
SER N   H2   sing N N 289 
SER CA  C    sing N N 290 
SER CA  CB   sing N N 291 
SER CA  HA   sing N N 292 
SER C   O    doub N N 293 
SER C   OXT  sing N N 294 
SER CB  OG   sing N N 295 
SER CB  HB2  sing N N 296 
SER CB  HB3  sing N N 297 
SER OG  HG   sing N N 298 
SER OXT HXT  sing N N 299 
THR N   CA   sing N N 300 
THR N   H    sing N N 301 
THR N   H2   sing N N 302 
THR CA  C    sing N N 303 
THR CA  CB   sing N N 304 
THR CA  HA   sing N N 305 
THR C   O    doub N N 306 
THR C   OXT  sing N N 307 
THR CB  OG1  sing N N 308 
THR CB  CG2  sing N N 309 
THR CB  HB   sing N N 310 
THR OG1 HG1  sing N N 311 
THR CG2 HG21 sing N N 312 
THR CG2 HG22 sing N N 313 
THR CG2 HG23 sing N N 314 
THR OXT HXT  sing N N 315 
TRP N   CA   sing N N 316 
TRP N   H    sing N N 317 
TRP N   H2   sing N N 318 
TRP CA  C    sing N N 319 
TRP CA  CB   sing N N 320 
TRP CA  HA   sing N N 321 
TRP C   O    doub N N 322 
TRP C   OXT  sing N N 323 
TRP CB  CG   sing N N 324 
TRP CB  HB2  sing N N 325 
TRP CB  HB3  sing N N 326 
TRP CG  CD1  doub Y N 327 
TRP CG  CD2  sing Y N 328 
TRP CD1 NE1  sing Y N 329 
TRP CD1 HD1  sing N N 330 
TRP CD2 CE2  doub Y N 331 
TRP CD2 CE3  sing Y N 332 
TRP NE1 CE2  sing Y N 333 
TRP NE1 HE1  sing N N 334 
TRP CE2 CZ2  sing Y N 335 
TRP CE3 CZ3  doub Y N 336 
TRP CE3 HE3  sing N N 337 
TRP CZ2 CH2  doub Y N 338 
TRP CZ2 HZ2  sing N N 339 
TRP CZ3 CH2  sing Y N 340 
TRP CZ3 HZ3  sing N N 341 
TRP CH2 HH2  sing N N 342 
TRP OXT HXT  sing N N 343 
TYR N   CA   sing N N 344 
TYR N   H    sing N N 345 
TYR N   H2   sing N N 346 
TYR CA  C    sing N N 347 
TYR CA  CB   sing N N 348 
TYR CA  HA   sing N N 349 
TYR C   O    doub N N 350 
TYR C   OXT  sing N N 351 
TYR CB  CG   sing N N 352 
TYR CB  HB2  sing N N 353 
TYR CB  HB3  sing N N 354 
TYR CG  CD1  doub Y N 355 
TYR CG  CD2  sing Y N 356 
TYR CD1 CE1  sing Y N 357 
TYR CD1 HD1  sing N N 358 
TYR CD2 CE2  doub Y N 359 
TYR CD2 HD2  sing N N 360 
TYR CE1 CZ   doub Y N 361 
TYR CE1 HE1  sing N N 362 
TYR CE2 CZ   sing Y N 363 
TYR CE2 HE2  sing N N 364 
TYR CZ  OH   sing N N 365 
TYR OH  HH   sing N N 366 
TYR OXT HXT  sing N N 367 
VAL N   CA   sing N N 368 
VAL N   H    sing N N 369 
VAL N   H2   sing N N 370 
VAL CA  C    sing N N 371 
VAL CA  CB   sing N N 372 
VAL CA  HA   sing N N 373 
VAL C   O    doub N N 374 
VAL C   OXT  sing N N 375 
VAL CB  CG1  sing N N 376 
VAL CB  CG2  sing N N 377 
VAL CB  HB   sing N N 378 
VAL CG1 HG11 sing N N 379 
VAL CG1 HG12 sing N N 380 
VAL CG1 HG13 sing N N 381 
VAL CG2 HG21 sing N N 382 
VAL CG2 HG22 sing N N 383 
VAL CG2 HG23 sing N N 384 
VAL OXT HXT  sing N N 385 
# 
_pdbx_audit_support.funding_organization   'National Natural Science Foundation of China program' 
_pdbx_audit_support.country                China 
_pdbx_audit_support.grant_number           3127076 
_pdbx_audit_support.ordinal                1 
# 
_pdbx_entity_nonpoly.entity_id   3 
_pdbx_entity_nonpoly.name        'ZINC ION' 
_pdbx_entity_nonpoly.comp_id     ZN 
# 
_pdbx_initial_refinement_model.id               1 
_pdbx_initial_refinement_model.entity_id_list   ? 
_pdbx_initial_refinement_model.type             'experimental model' 
_pdbx_initial_refinement_model.source_name      PDB 
_pdbx_initial_refinement_model.accession_code   3GL6 
_pdbx_initial_refinement_model.details          ? 
# 
